data_7Q83
#
_entry.id   7Q83
#
_cell.length_a   50.961
_cell.length_b   58.402
_cell.length_c   83.286
_cell.angle_alpha   104.284
_cell.angle_beta   98.494
_cell.angle_gamma   113.198
#
_symmetry.space_group_name_H-M   'P 1'
#
loop_
_entity.id
_entity.type
_entity.pdbx_description
1 polymer 'Exocyst complex component SEC3'
2 polymer 'Protein SSO2'
3 water water
#
loop_
_entity_poly.entity_id
_entity_poly.type
_entity_poly.pdbx_seq_one_letter_code
_entity_poly.pdbx_strand_id
1 'polypeptide(L)'
;QGHMSNFLAEQYERDRKAIINCCFSRPDHKTGEPPNNYITHVRIIEDSKFPSSRPPPDSKLENKKKRLLILSAKPNNAKL
IQIHKARENSDGSFQIGRTWQLTELVRVEKDLEISEGFILTMSKKYYWETNSAKERTVFIKSLITLYIQTFEGHVPELVN
WDLSLFYLDERSYQRAVITNRPGSVSPIKSPTSNFTTNTTQSVGSVPFSAPTERTRRSETESVNPVSTPASVEYHAGMKS
LNKAPYSSNS
;
A,C
2 'polypeptide(L)'
;GSHMMSNANPYENNNPYAENYEMQEDLNNAPTGHYEGSDDFVAFMNKINSINANLSRYENIINQIDAQHKDLLTQVSEEQ
EMELRRSLDDYISQATDLQYQLKADIKDAQRDGLHDSNKQAQAENCRQKFLKLIQDYRIIDSNYKEESKEQAKRQYTIIQ
PEATDEEVEAAINDVNGQQIFSQALLNANRRGEAKTALAEVQARHQELLKLEKTMAELTQLFNDMEELVIEQQENVDVID
KNVEDAQQDVEQGVGHTNKAVKSARKARKNKIRC
;
B,D
#
# COMPACT_ATOMS: atom_id res chain seq x y z
N ASN A 6 -7.78 6.63 0.19
CA ASN A 6 -6.47 6.84 -0.41
C ASN A 6 -5.37 6.59 0.61
N PHE A 7 -4.83 5.37 0.62
CA PHE A 7 -3.82 5.03 1.62
C PHE A 7 -2.55 5.86 1.45
N LEU A 8 -2.12 6.05 0.20
CA LEU A 8 -0.87 6.78 -0.02
C LEU A 8 -0.99 8.25 0.38
N ALA A 9 -2.17 8.85 0.19
CA ALA A 9 -2.35 10.23 0.62
C ALA A 9 -2.38 10.33 2.14
N GLU A 10 -3.15 9.44 2.79
CA GLU A 10 -3.28 9.52 4.24
C GLU A 10 -1.98 9.13 4.94
N GLN A 11 -1.24 8.16 4.39
CA GLN A 11 0.08 7.86 4.92
C GLN A 11 1.01 9.06 4.78
N TYR A 12 0.89 9.78 3.66
CA TYR A 12 1.70 10.99 3.47
C TYR A 12 1.36 12.06 4.49
N GLU A 13 0.07 12.23 4.79
CA GLU A 13 -0.33 13.24 5.77
C GLU A 13 0.20 12.90 7.16
N ARG A 14 0.10 11.63 7.55
CA ARG A 14 0.57 11.22 8.86
C ARG A 14 2.09 11.26 8.96
N ASP A 15 2.77 10.83 7.90
CA ASP A 15 4.23 10.87 7.90
C ASP A 15 4.74 12.31 7.95
N ARG A 16 4.17 13.18 7.11
CA ARG A 16 4.64 14.57 7.06
C ARG A 16 4.46 15.26 8.40
N LYS A 17 3.31 15.05 9.05
CA LYS A 17 3.07 15.69 10.34
C LYS A 17 4.04 15.17 11.40
N ALA A 18 4.35 13.88 11.37
CA ALA A 18 5.28 13.33 12.35
C ALA A 18 6.71 13.80 12.07
N ILE A 19 7.07 13.94 10.79
CA ILE A 19 8.42 14.38 10.45
C ILE A 19 8.62 15.84 10.85
N ILE A 20 7.67 16.71 10.51
CA ILE A 20 7.76 18.11 10.90
C ILE A 20 7.83 18.24 12.42
N ASN A 21 7.04 17.43 13.13
CA ASN A 21 6.96 17.54 14.59
C ASN A 21 8.27 17.14 15.25
N CYS A 22 8.83 16.00 14.85
CA CYS A 22 10.08 15.54 15.46
C CYS A 22 11.24 16.46 15.08
N CYS A 23 11.30 16.86 13.82
CA CYS A 23 12.59 17.20 13.23
C CYS A 23 12.63 18.51 12.43
N PHE A 24 11.51 19.14 12.14
CA PHE A 24 11.51 20.36 11.33
C PHE A 24 10.53 21.38 11.91
N SER A 25 10.61 21.61 13.22
CA SER A 25 9.72 22.57 13.87
C SER A 25 10.39 23.20 15.09
N ARG A 26 11.28 22.45 15.77
CA ARG A 26 11.88 22.98 16.99
C ARG A 26 13.27 23.53 16.70
N PRO A 27 13.71 24.52 17.48
CA PRO A 27 15.09 25.00 17.35
C PRO A 27 16.09 23.88 17.59
N ASP A 28 17.28 24.06 17.00
CA ASP A 28 18.33 23.05 17.12
C ASP A 28 18.59 22.71 18.58
N HIS A 29 18.88 21.43 18.84
CA HIS A 29 19.01 20.95 20.20
C HIS A 29 20.15 21.65 20.93
N LYS A 30 21.33 21.70 20.31
CA LYS A 30 22.51 22.24 20.99
C LYS A 30 22.90 23.63 20.52
N THR A 31 22.51 24.02 19.30
CA THR A 31 22.89 25.30 18.74
C THR A 31 21.81 26.37 18.85
N GLY A 32 20.54 25.96 18.85
CA GLY A 32 19.47 26.94 18.86
C GLY A 32 19.15 27.53 17.51
N GLU A 33 19.73 26.98 16.44
CA GLU A 33 19.39 27.42 15.10
C GLU A 33 17.92 27.09 14.81
N PRO A 34 17.25 27.91 14.01
CA PRO A 34 15.90 27.55 13.58
C PRO A 34 15.92 26.23 12.82
N PRO A 35 14.82 25.50 12.82
CA PRO A 35 14.78 24.24 12.08
C PRO A 35 14.76 24.48 10.58
N ASN A 36 15.13 23.45 9.84
CA ASN A 36 14.94 23.50 8.40
C ASN A 36 13.45 23.53 8.09
N ASN A 37 13.13 23.99 6.88
CA ASN A 37 11.76 23.98 6.40
C ASN A 37 11.51 22.69 5.62
N TYR A 38 10.59 21.87 6.12
CA TYR A 38 10.24 20.62 5.45
C TYR A 38 9.66 20.92 4.07
N ILE A 39 10.01 20.08 3.10
CA ILE A 39 9.49 20.25 1.73
C ILE A 39 8.68 19.03 1.33
N THR A 40 9.31 17.85 1.31
CA THR A 40 8.60 16.63 0.99
C THR A 40 9.41 15.44 1.48
N HIS A 41 8.91 14.23 1.22
CA HIS A 41 9.56 13.01 1.67
C HIS A 41 9.07 11.84 0.83
N VAL A 42 9.70 10.69 1.03
CA VAL A 42 9.24 9.42 0.45
C VAL A 42 9.79 8.29 1.31
N ARG A 43 9.03 7.20 1.40
CA ARG A 43 9.50 6.00 2.06
C ARG A 43 10.34 5.18 1.08
N ILE A 44 11.43 4.59 1.58
CA ILE A 44 12.35 3.83 0.74
C ILE A 44 12.76 2.54 1.42
N ILE A 45 13.15 1.57 0.61
CA ILE A 45 13.75 0.32 1.07
C ILE A 45 15.23 0.37 0.75
N GLU A 46 16.07 0.14 1.75
CA GLU A 46 17.51 0.13 1.59
C GLU A 46 18.03 -1.27 1.89
N ASP A 47 18.81 -1.82 0.98
CA ASP A 47 19.47 -3.10 1.19
C ASP A 47 20.83 -2.84 1.82
N SER A 48 21.01 -3.32 3.05
CA SER A 48 22.25 -3.05 3.77
C SER A 48 23.45 -3.74 3.11
N LYS A 49 23.22 -4.87 2.45
CA LYS A 49 24.30 -5.57 1.77
C LYS A 49 24.55 -5.06 0.36
N PHE A 50 23.56 -4.45 -0.28
CA PHE A 50 23.71 -3.88 -1.62
C PHE A 50 23.12 -2.48 -1.62
N PRO A 51 23.84 -1.51 -1.03
CA PRO A 51 23.33 -0.13 -0.98
C PRO A 51 23.71 0.73 -2.17
N SER A 52 24.60 0.26 -3.04
CA SER A 52 25.09 1.06 -4.16
C SER A 52 24.85 0.41 -5.51
N SER A 53 24.08 -0.68 -5.56
CA SER A 53 23.79 -1.37 -6.80
C SER A 53 22.46 -2.10 -6.64
N ARG A 54 21.94 -2.60 -7.75
CA ARG A 54 20.70 -3.36 -7.72
C ARG A 54 20.89 -4.63 -6.91
N PRO A 55 20.12 -4.86 -5.85
CA PRO A 55 20.29 -6.10 -5.09
C PRO A 55 19.85 -7.29 -5.91
N PRO A 56 20.50 -8.44 -5.75
CA PRO A 56 20.05 -9.65 -6.43
C PRO A 56 18.74 -10.14 -5.83
N PRO A 57 17.99 -10.98 -6.56
CA PRO A 57 16.75 -11.52 -5.99
C PRO A 57 17.00 -12.39 -4.76
N ASP A 58 18.15 -13.04 -4.67
CA ASP A 58 18.46 -13.93 -3.56
C ASP A 58 18.87 -13.17 -2.30
N SER A 59 18.87 -11.85 -2.31
CA SER A 59 19.24 -11.09 -1.13
C SER A 59 18.31 -11.40 0.03
N LYS A 60 18.89 -11.73 1.18
CA LYS A 60 18.11 -12.11 2.35
C LYS A 60 17.17 -10.97 2.74
N LEU A 61 16.00 -11.36 3.27
CA LEU A 61 15.00 -10.36 3.64
C LEU A 61 15.48 -9.49 4.81
N GLU A 62 16.37 -10.01 5.65
CA GLU A 62 16.91 -9.22 6.75
C GLU A 62 17.79 -8.08 6.25
N ASN A 63 18.22 -8.11 4.99
CA ASN A 63 19.00 -7.01 4.44
C ASN A 63 18.14 -5.79 4.15
N LYS A 64 16.84 -5.97 4.00
CA LYS A 64 15.96 -4.88 3.61
C LYS A 64 15.61 -4.02 4.83
N LYS A 65 15.90 -2.73 4.73
CA LYS A 65 15.67 -1.78 5.81
C LYS A 65 14.69 -0.71 5.36
N LYS A 66 13.78 -0.32 6.25
CA LYS A 66 12.82 0.73 5.98
C LYS A 66 13.43 2.07 6.39
N ARG A 67 13.59 2.97 5.41
CA ARG A 67 14.12 4.30 5.64
C ARG A 67 13.23 5.33 4.96
N LEU A 68 13.52 6.60 5.23
CA LEU A 68 12.85 7.71 4.57
C LEU A 68 13.89 8.63 3.95
N LEU A 69 13.52 9.24 2.82
CA LEU A 69 14.26 10.35 2.24
C LEU A 69 13.45 11.62 2.45
N ILE A 70 14.09 12.67 2.95
CA ILE A 70 13.41 13.92 3.28
C ILE A 70 14.18 15.07 2.65
N LEU A 71 13.46 15.95 1.96
CA LEU A 71 14.04 17.18 1.42
C LEU A 71 13.63 18.35 2.30
N SER A 72 14.57 19.28 2.51
CA SER A 72 14.30 20.45 3.34
C SER A 72 15.16 21.60 2.86
N ALA A 73 14.83 22.80 3.33
CA ALA A 73 15.52 24.03 2.98
C ALA A 73 16.06 24.70 4.25
N LYS A 74 17.24 25.30 4.14
CA LYS A 74 17.80 26.02 5.26
C LYS A 74 16.88 27.17 5.67
N PRO A 75 16.80 27.49 6.96
CA PRO A 75 15.77 28.43 7.42
C PRO A 75 15.89 29.84 6.83
N ASN A 76 17.10 30.30 6.53
CA ASN A 76 17.31 31.64 6.01
C ASN A 76 17.91 31.63 4.61
N ASN A 77 17.59 30.60 3.84
CA ASN A 77 18.05 30.49 2.45
C ASN A 77 17.30 29.39 1.71
N ALA A 78 16.21 29.76 1.02
CA ALA A 78 15.44 28.79 0.26
C ALA A 78 16.23 28.14 -0.86
N LYS A 79 17.42 28.66 -1.17
CA LYS A 79 18.28 28.11 -2.22
C LYS A 79 19.25 27.05 -1.69
N LEU A 80 19.26 26.79 -0.39
CA LEU A 80 20.12 25.77 0.21
C LEU A 80 19.24 24.59 0.61
N ILE A 81 19.20 23.57 -0.26
CA ILE A 81 18.35 22.40 -0.06
C ILE A 81 19.21 21.26 0.46
N GLN A 82 18.63 20.44 1.34
CA GLN A 82 19.32 19.28 1.87
C GLN A 82 18.44 18.06 1.74
N ILE A 83 19.07 16.92 1.48
CA ILE A 83 18.42 15.61 1.50
C ILE A 83 18.81 14.92 2.80
N HIS A 84 17.82 14.38 3.50
CA HIS A 84 18.05 13.64 4.72
C HIS A 84 17.55 12.22 4.56
N LYS A 85 18.32 11.27 5.09
CA LYS A 85 17.87 9.90 5.25
C LYS A 85 17.59 9.66 6.72
N ALA A 86 16.43 9.07 7.02
CA ALA A 86 16.03 8.84 8.41
C ALA A 86 15.41 7.47 8.56
N ARG A 87 15.33 7.02 9.80
CA ARG A 87 14.60 5.82 10.18
C ARG A 87 13.52 6.21 11.19
N GLU A 88 12.50 5.35 11.29
CA GLU A 88 11.33 5.64 12.11
C GLU A 88 11.44 4.94 13.46
N ASN A 89 11.26 5.70 14.53
CA ASN A 89 11.28 5.13 15.88
C ASN A 89 9.90 4.58 16.24
N SER A 90 9.88 3.77 17.30
CA SER A 90 8.64 3.09 17.68
C SER A 90 7.59 4.06 18.19
N ASP A 91 8.00 5.22 18.72
CA ASP A 91 7.04 6.20 19.23
C ASP A 91 6.43 7.05 18.13
N GLY A 92 6.87 6.90 16.88
CA GLY A 92 6.38 7.72 15.80
C GLY A 92 7.30 8.85 15.39
N SER A 93 8.42 9.03 16.06
CA SER A 93 9.38 10.05 15.68
C SER A 93 10.40 9.45 14.70
N PHE A 94 11.28 10.30 14.18
CA PHE A 94 12.26 9.88 13.19
C PHE A 94 13.65 10.34 13.62
N GLN A 95 14.65 9.53 13.28
CA GLN A 95 16.04 9.84 13.58
C GLN A 95 16.80 9.95 12.26
N ILE A 96 17.37 11.13 12.01
CA ILE A 96 18.11 11.37 10.77
C ILE A 96 19.50 10.77 10.91
N GLY A 97 19.88 9.96 9.92
CA GLY A 97 21.18 9.30 9.95
C GLY A 97 22.21 9.88 9.01
N ARG A 98 21.76 10.64 8.02
CA ARG A 98 22.67 11.21 7.03
C ARG A 98 22.00 12.39 6.34
N THR A 99 22.79 13.38 5.98
CA THR A 99 22.34 14.55 5.26
C THR A 99 23.27 14.81 4.08
N TRP A 100 22.68 15.12 2.92
CA TRP A 100 23.41 15.58 1.75
C TRP A 100 22.96 16.98 1.38
N GLN A 101 23.88 17.76 0.83
CA GLN A 101 23.49 19.01 0.18
C GLN A 101 23.00 18.70 -1.24
N LEU A 102 21.96 19.41 -1.67
CA LEU A 102 21.39 19.15 -3.00
C LEU A 102 22.40 19.39 -4.12
N THR A 103 23.41 20.23 -3.90
CA THR A 103 24.44 20.44 -4.92
C THR A 103 25.25 19.17 -5.20
N GLU A 104 25.11 18.12 -4.40
CA GLU A 104 25.81 16.87 -4.63
C GLU A 104 25.12 15.99 -5.66
N LEU A 105 23.84 16.22 -5.91
CA LEU A 105 23.08 15.39 -6.85
C LEU A 105 23.59 15.63 -8.26
N VAL A 106 24.26 14.63 -8.83
CA VAL A 106 24.85 14.76 -10.16
C VAL A 106 24.27 13.78 -11.17
N ARG A 107 23.56 12.74 -10.74
CA ARG A 107 23.04 11.74 -11.65
C ARG A 107 21.87 11.04 -11.00
N VAL A 108 20.77 10.88 -11.74
CA VAL A 108 19.55 10.23 -11.26
C VAL A 108 19.10 9.27 -12.35
N GLU A 109 19.04 7.98 -12.02
CA GLU A 109 18.77 6.94 -12.99
C GLU A 109 17.55 6.13 -12.56
N LYS A 110 16.64 5.88 -13.50
CA LYS A 110 15.55 4.95 -13.30
C LYS A 110 16.01 3.55 -13.63
N ASP A 111 15.80 2.61 -12.70
CA ASP A 111 16.09 1.21 -12.97
C ASP A 111 15.07 0.67 -13.96
N LEU A 112 15.55 0.24 -15.14
CA LEU A 112 14.66 -0.32 -16.14
C LEU A 112 14.07 -1.65 -15.74
N GLU A 113 14.75 -2.40 -14.86
CA GLU A 113 14.31 -3.75 -14.53
C GLU A 113 13.44 -3.79 -13.29
N ILE A 114 13.78 -3.03 -12.25
CA ILE A 114 13.01 -3.00 -11.01
C ILE A 114 12.12 -1.76 -11.05
N SER A 115 10.81 -1.97 -10.97
CA SER A 115 9.85 -0.89 -11.17
C SER A 115 9.86 0.12 -10.05
N GLU A 116 10.44 -0.22 -8.89
CA GLU A 116 10.55 0.71 -7.78
C GLU A 116 11.97 1.22 -7.57
N GLY A 117 12.93 0.74 -8.34
CA GLY A 117 14.32 1.06 -8.11
C GLY A 117 14.77 2.33 -8.80
N PHE A 118 15.70 3.02 -8.15
CA PHE A 118 16.32 4.22 -8.70
C PHE A 118 17.67 4.40 -8.03
N ILE A 119 18.54 5.17 -8.69
CA ILE A 119 19.91 5.36 -8.24
C ILE A 119 20.21 6.86 -8.23
N LEU A 120 20.58 7.38 -7.06
CA LEU A 120 21.04 8.75 -6.92
C LEU A 120 22.56 8.75 -6.76
N THR A 121 23.23 9.61 -7.52
CA THR A 121 24.67 9.78 -7.40
C THR A 121 24.92 11.11 -6.71
N MET A 122 25.44 11.05 -5.48
CA MET A 122 25.75 12.25 -4.72
C MET A 122 27.18 12.16 -4.22
N SER A 123 27.37 11.97 -2.91
CA SER A 123 28.67 11.58 -2.39
C SER A 123 29.18 10.34 -3.11
N LYS A 124 28.26 9.46 -3.51
CA LYS A 124 28.56 8.23 -4.24
C LYS A 124 27.24 7.76 -4.87
N LYS A 125 27.24 6.55 -5.43
CA LYS A 125 26.02 5.97 -5.96
C LYS A 125 25.24 5.28 -4.85
N TYR A 126 23.93 5.53 -4.81
CA TYR A 126 23.03 4.91 -3.84
C TYR A 126 21.86 4.31 -4.59
N TYR A 127 21.63 3.01 -4.38
CA TYR A 127 20.43 2.36 -4.89
C TYR A 127 19.36 2.34 -3.80
N TRP A 128 18.14 2.68 -4.19
CA TRP A 128 17.00 2.64 -3.26
C TRP A 128 15.75 2.21 -4.03
N GLU A 129 14.76 1.73 -3.27
CA GLU A 129 13.47 1.38 -3.84
C GLU A 129 12.37 2.10 -3.07
N THR A 130 11.41 2.66 -3.81
CA THR A 130 10.17 3.09 -3.19
C THR A 130 9.27 1.88 -2.97
N ASN A 131 8.12 2.10 -2.35
CA ASN A 131 7.18 1.00 -2.12
C ASN A 131 6.31 0.71 -3.33
N SER A 132 6.30 1.60 -4.33
CA SER A 132 5.46 1.43 -5.50
C SER A 132 6.03 2.27 -6.63
N ALA A 133 5.68 1.89 -7.86
CA ALA A 133 6.14 2.64 -9.03
C ALA A 133 5.67 4.09 -8.97
N LYS A 134 4.43 4.30 -8.54
CA LYS A 134 3.89 5.65 -8.43
C LYS A 134 4.73 6.52 -7.50
N GLU A 135 5.16 5.94 -6.38
CA GLU A 135 5.94 6.72 -5.40
C GLU A 135 7.31 7.09 -5.95
N ARG A 136 7.89 6.25 -6.81
CA ARG A 136 9.15 6.63 -7.46
C ARG A 136 8.92 7.81 -8.40
N THR A 137 7.91 7.70 -9.26
CA THR A 137 7.58 8.79 -10.18
C THR A 137 7.34 10.09 -9.43
N VAL A 138 6.56 10.02 -8.35
CA VAL A 138 6.20 11.23 -7.62
C VAL A 138 7.41 11.86 -6.94
N PHE A 139 8.25 11.04 -6.29
CA PHE A 139 9.37 11.61 -5.55
C PHE A 139 10.46 12.15 -6.48
N ILE A 140 10.82 11.39 -7.51
CA ILE A 140 11.86 11.85 -8.43
C ILE A 140 11.43 13.13 -9.12
N LYS A 141 10.14 13.22 -9.49
CA LYS A 141 9.59 14.47 -10.01
C LYS A 141 9.82 15.61 -9.04
N SER A 142 9.45 15.43 -7.78
CA SER A 142 9.68 16.45 -6.75
C SER A 142 11.16 16.81 -6.66
N LEU A 143 12.03 15.80 -6.70
CA LEU A 143 13.45 16.02 -6.54
C LEU A 143 14.03 16.82 -7.70
N ILE A 144 13.76 16.39 -8.93
CA ILE A 144 14.31 17.07 -10.09
C ILE A 144 13.71 18.46 -10.25
N THR A 145 12.39 18.59 -10.00
CA THR A 145 11.75 19.90 -10.03
C THR A 145 12.39 20.85 -9.01
N LEU A 146 12.66 20.35 -7.80
CA LEU A 146 13.34 21.16 -6.80
C LEU A 146 14.72 21.59 -7.27
N TYR A 147 15.47 20.67 -7.86
CA TYR A 147 16.82 21.00 -8.33
C TYR A 147 16.78 22.06 -9.41
N ILE A 148 15.93 21.89 -10.42
CA ILE A 148 15.86 22.84 -11.52
C ILE A 148 15.50 24.22 -11.01
N GLN A 149 14.57 24.29 -10.05
CA GLN A 149 14.21 25.57 -9.46
C GLN A 149 15.33 26.13 -8.59
N THR A 150 15.98 25.26 -7.81
CA THR A 150 17.00 25.73 -6.87
C THR A 150 18.21 26.29 -7.59
N PHE A 151 18.72 25.57 -8.58
CA PHE A 151 19.90 25.97 -9.32
C PHE A 151 19.57 26.65 -10.65
N GLU A 152 18.40 27.30 -10.70
CA GLU A 152 18.00 28.20 -11.78
C GLU A 152 18.32 27.69 -13.17
N GLY A 153 17.61 26.66 -13.62
CA GLY A 153 17.75 26.18 -14.97
C GLY A 153 18.74 25.07 -15.19
N HIS A 154 19.34 24.52 -14.14
CA HIS A 154 20.26 23.40 -14.27
C HIS A 154 19.57 22.12 -13.83
N VAL A 155 20.09 20.99 -14.31
CA VAL A 155 19.49 19.69 -14.02
C VAL A 155 20.61 18.65 -13.98
N PRO A 156 20.57 17.69 -13.06
CA PRO A 156 21.57 16.61 -13.08
C PRO A 156 21.38 15.73 -14.29
N GLU A 157 22.34 14.82 -14.46
CA GLU A 157 22.26 13.83 -15.52
C GLU A 157 21.09 12.90 -15.27
N LEU A 158 20.22 12.75 -16.28
CA LEU A 158 19.02 11.94 -16.16
C LEU A 158 19.16 10.72 -17.06
N VAL A 159 18.91 9.55 -16.51
CA VAL A 159 19.08 8.28 -17.21
C VAL A 159 17.77 7.51 -17.17
N ASN A 160 17.22 7.23 -18.35
CA ASN A 160 16.05 6.37 -18.56
C ASN A 160 14.75 6.99 -18.07
N TRP A 161 14.70 8.31 -17.87
CA TRP A 161 13.47 8.97 -17.47
C TRP A 161 12.78 9.59 -18.68
N ASP A 162 11.45 9.66 -18.59
CA ASP A 162 10.67 10.49 -19.51
C ASP A 162 10.88 11.95 -19.12
N LEU A 163 11.52 12.71 -20.01
CA LEU A 163 11.84 14.10 -19.71
C LEU A 163 10.59 14.94 -19.48
N SER A 164 9.47 14.58 -20.13
CA SER A 164 8.24 15.34 -19.97
C SER A 164 7.75 15.34 -18.52
N LEU A 165 8.12 14.31 -17.75
CA LEU A 165 7.78 14.30 -16.33
C LEU A 165 8.29 15.53 -15.61
N PHE A 166 9.43 16.06 -16.03
CA PHE A 166 10.03 17.25 -15.44
C PHE A 166 9.79 18.50 -16.29
N TYR A 167 8.88 18.43 -17.24
CA TYR A 167 8.58 19.54 -18.16
C TYR A 167 9.81 19.91 -18.99
N LEU A 168 10.54 18.90 -19.43
CA LEU A 168 11.66 19.07 -20.34
C LEU A 168 11.40 18.28 -21.62
N ASP A 169 12.11 18.66 -22.67
CA ASP A 169 12.25 17.82 -23.86
C ASP A 169 13.73 17.61 -24.11
N GLU A 170 14.05 17.00 -25.26
CA GLU A 170 15.43 16.58 -25.51
C GLU A 170 16.39 17.76 -25.47
N ARG A 171 16.13 18.80 -26.26
CA ARG A 171 17.10 19.88 -26.35
C ARG A 171 17.02 20.85 -25.17
N SER A 172 15.89 20.92 -24.46
CA SER A 172 15.90 21.68 -23.22
C SER A 172 16.72 20.97 -22.15
N TYR A 173 16.75 19.65 -22.18
CA TYR A 173 17.60 18.90 -21.25
C TYR A 173 19.07 19.08 -21.59
N GLN A 174 19.41 19.08 -22.88
CA GLN A 174 20.81 19.26 -23.27
C GLN A 174 21.33 20.65 -22.90
N ARG A 175 20.47 21.67 -22.95
CA ARG A 175 20.88 23.01 -22.55
C ARG A 175 21.05 23.12 -21.03
N ALA A 176 20.31 22.31 -20.27
CA ALA A 176 20.24 22.47 -18.82
C ALA A 176 21.12 21.51 -18.04
N VAL A 177 21.56 20.41 -18.66
CA VAL A 177 22.27 19.38 -17.91
C VAL A 177 23.62 19.90 -17.45
N ILE A 178 24.01 19.53 -16.22
CA ILE A 178 25.20 20.10 -15.61
C ILE A 178 26.48 19.64 -16.29
N THR A 179 26.44 18.54 -17.04
CA THR A 179 27.61 18.12 -17.79
C THR A 179 27.93 19.04 -18.96
N ASN A 180 27.02 19.94 -19.30
CA ASN A 180 27.19 20.88 -20.42
C ASN A 180 27.49 20.14 -21.72
N ALA B 8 -0.32 20.37 0.47
CA ALA B 8 0.61 19.95 -0.58
C ALA B 8 0.86 18.44 -0.52
N ASN B 9 -0.21 17.66 -0.74
CA ASN B 9 -0.10 16.21 -0.76
C ASN B 9 0.05 15.75 -2.21
N PRO B 10 1.24 15.36 -2.66
CA PRO B 10 1.41 14.95 -4.07
C PRO B 10 0.73 13.63 -4.41
N TYR B 11 0.11 12.96 -3.45
CA TYR B 11 -0.58 11.70 -3.67
C TYR B 11 -2.10 11.89 -3.58
N GLU B 12 -2.61 12.95 -4.20
CA GLU B 12 -4.02 13.33 -4.14
C GLU B 12 -4.42 13.67 -2.70
N GLY B 37 -20.94 29.45 -30.00
CA GLY B 37 -20.49 28.88 -28.74
C GLY B 37 -21.63 28.58 -27.79
N SER B 38 -22.82 28.34 -28.34
CA SER B 38 -23.99 28.05 -27.51
C SER B 38 -23.90 26.66 -26.89
N ASP B 39 -23.30 25.69 -27.60
CA ASP B 39 -23.09 24.38 -27.02
C ASP B 39 -21.99 24.46 -25.96
N ASP B 40 -22.16 23.68 -24.89
CA ASP B 40 -21.24 23.77 -23.75
C ASP B 40 -19.83 23.38 -24.15
N PHE B 41 -19.68 22.26 -24.87
CA PHE B 41 -18.34 21.80 -25.23
C PHE B 41 -17.69 22.70 -26.26
N VAL B 42 -18.48 23.26 -27.18
CA VAL B 42 -17.92 24.21 -28.14
C VAL B 42 -17.39 25.45 -27.42
N ALA B 43 -18.14 25.93 -26.43
CA ALA B 43 -17.70 27.09 -25.67
C ALA B 43 -16.40 26.79 -24.91
N PHE B 44 -16.33 25.62 -24.28
CA PHE B 44 -15.12 25.26 -23.55
C PHE B 44 -13.91 25.17 -24.47
N MET B 45 -14.08 24.52 -25.63
CA MET B 45 -12.97 24.40 -26.56
C MET B 45 -12.56 25.74 -27.15
N ASN B 46 -13.45 26.73 -27.15
CA ASN B 46 -13.05 28.08 -27.52
C ASN B 46 -12.03 28.64 -26.54
N LYS B 47 -12.17 28.32 -25.26
CA LYS B 47 -11.17 28.69 -24.27
C LYS B 47 -9.85 28.00 -24.56
N ILE B 48 -9.89 26.69 -24.83
CA ILE B 48 -8.68 25.93 -25.08
C ILE B 48 -7.99 26.40 -26.34
N ASN B 49 -8.77 26.66 -27.40
CA ASN B 49 -8.19 27.19 -28.64
C ASN B 49 -7.52 28.53 -28.40
N SER B 50 -8.14 29.39 -27.58
CA SER B 50 -7.54 30.68 -27.27
C SER B 50 -6.26 30.52 -26.47
N ILE B 51 -6.25 29.59 -25.50
CA ILE B 51 -5.05 29.34 -24.71
C ILE B 51 -3.93 28.83 -25.60
N ASN B 52 -4.26 27.90 -26.50
CA ASN B 52 -3.25 27.34 -27.41
C ASN B 52 -2.67 28.40 -28.33
N ALA B 53 -3.46 29.41 -28.69
CA ALA B 53 -2.95 30.50 -29.51
C ALA B 53 -1.96 31.35 -28.74
N ASN B 54 -2.24 31.61 -27.46
CA ASN B 54 -1.33 32.41 -26.66
C ASN B 54 -0.10 31.62 -26.22
N LEU B 55 -0.24 30.30 -26.05
CA LEU B 55 0.93 29.47 -25.83
C LEU B 55 1.87 29.54 -27.02
N SER B 56 1.32 29.59 -28.23
CA SER B 56 2.15 29.79 -29.41
C SER B 56 2.77 31.18 -29.43
N ARG B 57 2.02 32.21 -29.01
CA ARG B 57 2.59 33.53 -28.86
C ARG B 57 3.70 33.53 -27.81
N TYR B 58 3.44 32.89 -26.67
CA TYR B 58 4.44 32.78 -25.61
C TYR B 58 5.71 32.13 -26.14
N GLU B 59 5.57 31.00 -26.85
CA GLU B 59 6.73 30.27 -27.35
C GLU B 59 7.55 31.11 -28.32
N ASN B 60 6.88 31.89 -29.18
CA ASN B 60 7.62 32.75 -30.10
C ASN B 60 8.38 33.83 -29.36
N ILE B 61 7.74 34.46 -28.37
CA ILE B 61 8.40 35.51 -27.61
C ILE B 61 9.65 34.97 -26.92
N ILE B 62 9.52 33.82 -26.27
CA ILE B 62 10.68 33.17 -25.67
C ILE B 62 11.73 32.87 -26.73
N ASN B 63 11.28 32.42 -27.91
CA ASN B 63 12.21 32.15 -29.01
C ASN B 63 12.95 33.41 -29.43
N GLN B 64 12.26 34.55 -29.43
CA GLN B 64 12.92 35.80 -29.83
C GLN B 64 13.83 36.32 -28.74
N ILE B 65 13.49 36.08 -27.48
CA ILE B 65 14.37 36.46 -26.37
C ILE B 65 15.68 35.68 -26.46
N ASP B 66 15.59 34.38 -26.72
CA ASP B 66 16.78 33.58 -26.92
C ASP B 66 17.61 34.11 -28.08
N ALA B 67 16.95 34.49 -29.18
CA ALA B 67 17.68 34.99 -30.34
C ALA B 67 18.41 36.29 -30.02
N GLN B 68 17.75 37.21 -29.32
CA GLN B 68 18.39 38.48 -28.99
C GLN B 68 19.54 38.29 -28.01
N HIS B 69 19.45 37.27 -27.13
CA HIS B 69 20.59 36.91 -26.32
C HIS B 69 21.78 36.54 -27.19
N LYS B 70 21.55 35.73 -28.21
CA LYS B 70 22.63 35.32 -29.11
C LYS B 70 23.18 36.51 -29.88
N ASP B 71 22.31 37.45 -30.25
CA ASP B 71 22.76 38.68 -30.89
C ASP B 71 23.71 39.45 -29.98
N LEU B 72 23.31 39.66 -28.72
CA LEU B 72 24.15 40.35 -27.76
C LEU B 72 25.47 39.62 -27.54
N LEU B 73 25.46 38.28 -27.65
CA LEU B 73 26.67 37.51 -27.39
C LEU B 73 27.69 37.65 -28.51
N THR B 74 27.28 38.10 -29.68
CA THR B 74 28.23 38.57 -30.68
C THR B 74 28.62 40.00 -30.35
N GLN B 75 29.83 40.39 -30.76
CA GLN B 75 30.31 41.73 -30.45
C GLN B 75 29.60 42.73 -31.35
N VAL B 76 28.68 43.50 -30.77
CA VAL B 76 27.84 44.44 -31.49
C VAL B 76 28.31 45.86 -31.15
N SER B 77 28.34 46.72 -32.16
CA SER B 77 28.72 48.11 -31.97
C SER B 77 27.85 48.77 -30.89
N GLU B 78 28.42 49.75 -30.19
CA GLU B 78 27.76 50.35 -29.04
C GLU B 78 26.44 50.99 -29.42
N GLU B 79 26.33 51.53 -30.64
CA GLU B 79 25.08 52.14 -31.06
C GLU B 79 23.97 51.11 -31.21
N GLN B 80 24.24 50.04 -31.97
CA GLN B 80 23.25 48.99 -32.15
C GLN B 80 22.98 48.21 -30.88
N GLU B 81 23.88 48.29 -29.90
CA GLU B 81 23.75 47.46 -28.70
C GLU B 81 22.57 47.90 -27.85
N MET B 82 22.34 49.20 -27.73
CA MET B 82 21.25 49.67 -26.88
C MET B 82 19.89 49.47 -27.53
N GLU B 83 19.79 49.65 -28.85
CA GLU B 83 18.56 49.30 -29.55
C GLU B 83 18.23 47.83 -29.35
N LEU B 84 19.25 46.98 -29.24
CA LEU B 84 19.03 45.57 -28.97
C LEU B 84 18.58 45.34 -27.52
N ARG B 85 19.03 46.18 -26.60
CA ARG B 85 18.64 46.00 -25.19
C ARG B 85 17.20 46.46 -24.94
N ARG B 86 16.77 47.54 -25.60
CA ARG B 86 15.40 47.98 -25.41
C ARG B 86 14.39 47.02 -26.04
N SER B 87 14.76 46.42 -27.17
CA SER B 87 13.90 45.39 -27.76
C SER B 87 13.84 44.16 -26.86
N LEU B 88 14.97 43.76 -26.29
CA LEU B 88 14.97 42.67 -25.31
C LEU B 88 14.09 43.01 -24.13
N ASP B 89 14.17 44.25 -23.64
CA ASP B 89 13.30 44.67 -22.53
C ASP B 89 11.83 44.60 -22.92
N ASP B 90 11.52 44.97 -24.16
CA ASP B 90 10.13 44.93 -24.61
C ASP B 90 9.61 43.50 -24.67
N TYR B 91 10.40 42.56 -25.20
CA TYR B 91 9.97 41.18 -25.26
C TYR B 91 9.82 40.58 -23.87
N ILE B 92 10.69 40.98 -22.93
CA ILE B 92 10.60 40.45 -21.57
C ILE B 92 9.30 40.90 -20.91
N SER B 93 8.91 42.15 -21.12
CA SER B 93 7.65 42.64 -20.57
C SER B 93 6.46 41.93 -21.18
N GLN B 94 6.50 41.69 -22.50
CA GLN B 94 5.43 40.95 -23.15
C GLN B 94 5.27 39.55 -22.57
N ALA B 95 6.40 38.88 -22.29
CA ALA B 95 6.33 37.54 -21.69
C ALA B 95 5.67 37.60 -20.32
N THR B 96 6.08 38.56 -19.49
CA THR B 96 5.49 38.69 -18.16
C THR B 96 3.98 38.86 -18.24
N ASP B 97 3.50 39.67 -19.18
CA ASP B 97 2.07 39.90 -19.31
C ASP B 97 1.35 38.70 -19.92
N LEU B 98 2.01 38.01 -20.86
CA LEU B 98 1.42 36.79 -21.40
C LEU B 98 1.33 35.70 -20.34
N GLN B 99 2.38 35.58 -19.51
CA GLN B 99 2.36 34.61 -18.43
C GLN B 99 1.18 34.85 -17.49
N TYR B 100 0.95 36.11 -17.13
CA TYR B 100 -0.18 36.44 -16.26
C TYR B 100 -1.50 36.03 -16.90
N GLN B 101 -1.64 36.25 -18.20
CA GLN B 101 -2.88 35.90 -18.89
C GLN B 101 -3.02 34.39 -19.06
N LEU B 102 -1.91 33.70 -19.36
CA LEU B 102 -1.99 32.25 -19.52
C LEU B 102 -2.29 31.55 -18.21
N LYS B 103 -1.75 32.05 -17.09
CA LYS B 103 -2.09 31.49 -15.79
C LYS B 103 -3.58 31.59 -15.51
N ALA B 104 -4.14 32.79 -15.67
CA ALA B 104 -5.56 32.98 -15.38
C ALA B 104 -6.44 32.15 -16.31
N ASP B 105 -6.11 32.14 -17.60
CA ASP B 105 -6.95 31.44 -18.56
C ASP B 105 -6.86 29.92 -18.39
N ILE B 106 -5.69 29.41 -17.98
CA ILE B 106 -5.55 27.97 -17.81
C ILE B 106 -6.24 27.51 -16.53
N LYS B 107 -6.06 28.27 -15.44
CA LYS B 107 -6.73 27.91 -14.19
C LYS B 107 -8.24 28.00 -14.32
N ASP B 108 -8.73 28.90 -15.18
CA ASP B 108 -10.18 28.98 -15.41
C ASP B 108 -10.66 27.77 -16.21
N ALA B 109 -9.89 27.34 -17.21
CA ALA B 109 -10.24 26.13 -17.94
C ALA B 109 -10.21 24.90 -17.04
N GLN B 110 -9.35 24.92 -16.01
CA GLN B 110 -9.32 23.83 -15.05
C GLN B 110 -10.59 23.81 -14.19
N ARG B 111 -11.12 25.00 -13.86
CA ARG B 111 -12.35 25.05 -13.08
C ARG B 111 -13.52 24.48 -13.86
N ASP B 112 -13.67 24.87 -15.13
CA ASP B 112 -14.75 24.35 -15.96
C ASP B 112 -14.66 22.84 -16.13
N GLY B 113 -13.46 22.26 -15.98
CA GLY B 113 -13.25 20.84 -16.09
C GLY B 113 -13.31 20.07 -14.78
N LEU B 114 -13.66 20.72 -13.67
CA LEU B 114 -13.74 20.03 -12.39
C LEU B 114 -14.86 19.00 -12.34
N HIS B 115 -15.65 18.85 -13.42
CA HIS B 115 -16.77 17.90 -13.44
C HIS B 115 -16.95 17.28 -14.81
N ASP B 116 -15.87 17.19 -15.59
CA ASP B 116 -15.93 16.62 -16.93
C ASP B 116 -14.58 16.04 -17.28
N SER B 117 -14.53 14.75 -17.58
CA SER B 117 -13.26 14.08 -17.86
C SER B 117 -12.60 14.65 -19.10
N ASN B 118 -13.38 14.94 -20.14
CA ASN B 118 -12.79 15.46 -21.38
C ASN B 118 -12.27 16.88 -21.19
N LYS B 119 -13.02 17.72 -20.49
CA LYS B 119 -12.57 19.09 -20.25
C LYS B 119 -11.29 19.13 -19.41
N GLN B 120 -11.23 18.30 -18.36
CA GLN B 120 -10.05 18.28 -17.50
C GLN B 120 -8.82 17.82 -18.27
N ALA B 121 -8.99 16.86 -19.18
CA ALA B 121 -7.87 16.42 -20.01
C ALA B 121 -7.40 17.54 -20.92
N GLN B 122 -8.34 18.33 -21.46
CA GLN B 122 -7.97 19.47 -22.29
C GLN B 122 -7.19 20.50 -21.48
N ALA B 123 -7.73 20.92 -20.34
CA ALA B 123 -7.10 21.97 -19.55
C ALA B 123 -5.73 21.53 -19.04
N GLU B 124 -5.64 20.30 -18.52
CA GLU B 124 -4.37 19.81 -18.01
C GLU B 124 -3.33 19.71 -19.11
N ASN B 125 -3.74 19.34 -20.32
CA ASN B 125 -2.83 19.34 -21.45
C ASN B 125 -2.27 20.74 -21.70
N CYS B 126 -3.13 21.76 -21.58
CA CYS B 126 -2.65 23.13 -21.73
C CYS B 126 -1.71 23.51 -20.58
N ARG B 127 -2.00 23.02 -19.36
CA ARG B 127 -1.13 23.32 -18.23
C ARG B 127 0.25 22.73 -18.41
N GLN B 128 0.34 21.51 -18.93
CA GLN B 128 1.64 20.89 -19.18
C GLN B 128 2.42 21.64 -20.26
N LYS B 129 1.74 22.03 -21.35
CA LYS B 129 2.38 22.84 -22.38
C LYS B 129 2.95 24.12 -21.78
N PHE B 130 2.19 24.78 -20.92
CA PHE B 130 2.62 26.01 -20.29
C PHE B 130 3.88 25.79 -19.45
N LEU B 131 3.86 24.77 -18.59
CA LEU B 131 4.99 24.51 -17.70
C LEU B 131 6.26 24.20 -18.48
N LYS B 132 6.14 23.48 -19.60
CA LYS B 132 7.32 23.19 -20.40
C LYS B 132 7.90 24.46 -21.01
N LEU B 133 7.04 25.38 -21.45
CA LEU B 133 7.53 26.63 -22.02
C LEU B 133 8.16 27.51 -20.94
N ILE B 134 7.56 27.55 -19.75
CA ILE B 134 8.17 28.27 -18.63
C ILE B 134 9.52 27.69 -18.31
N GLN B 135 9.64 26.36 -18.37
CA GLN B 135 10.94 25.71 -18.18
C GLN B 135 11.90 26.06 -19.31
N ASP B 136 11.38 26.14 -20.54
CA ASP B 136 12.20 26.58 -21.67
C ASP B 136 12.76 27.99 -21.41
N TYR B 137 11.90 28.90 -20.99
CA TYR B 137 12.31 30.27 -20.69
C TYR B 137 13.37 30.30 -19.60
N ARG B 138 13.14 29.55 -18.51
CA ARG B 138 14.06 29.55 -17.38
C ARG B 138 15.44 29.07 -17.79
N ILE B 139 15.51 28.04 -18.63
CA ILE B 139 16.80 27.51 -19.09
C ILE B 139 17.47 28.49 -20.05
N ILE B 140 16.68 29.14 -20.91
CA ILE B 140 17.24 30.10 -21.86
C ILE B 140 17.89 31.27 -21.13
N ASP B 141 17.23 31.78 -20.09
CA ASP B 141 17.83 32.85 -19.30
C ASP B 141 19.05 32.36 -18.52
N SER B 142 19.04 31.10 -18.09
CA SER B 142 20.17 30.56 -17.35
C SER B 142 21.40 30.46 -18.23
N ASN B 143 21.23 29.97 -19.46
CA ASN B 143 22.35 29.90 -20.40
C ASN B 143 22.90 31.29 -20.70
N TYR B 144 22.02 32.27 -20.87
CA TYR B 144 22.50 33.62 -21.16
C TYR B 144 23.22 34.23 -19.96
N LYS B 145 22.75 33.93 -18.74
CA LYS B 145 23.40 34.44 -17.55
C LYS B 145 24.84 33.93 -17.46
N GLU B 146 25.03 32.62 -17.60
CA GLU B 146 26.37 32.05 -17.48
C GLU B 146 27.26 32.48 -18.64
N GLU B 147 26.69 32.67 -19.83
CA GLU B 147 27.49 33.06 -20.98
C GLU B 147 27.85 34.53 -20.97
N SER B 148 27.13 35.35 -20.18
CA SER B 148 27.49 36.76 -20.06
C SER B 148 28.77 36.92 -19.24
N LYS B 149 28.92 36.14 -18.18
CA LYS B 149 30.11 36.24 -17.34
C LYS B 149 31.34 35.70 -18.08
N GLU B 150 31.21 34.52 -18.68
CA GLU B 150 32.34 33.92 -19.41
C GLU B 150 32.66 34.67 -20.69
N GLN B 151 31.98 35.78 -20.98
CA GLN B 151 32.34 36.67 -22.06
C GLN B 151 32.84 38.02 -21.58
N ALA B 152 32.58 38.37 -20.32
CA ALA B 152 32.99 39.66 -19.77
C ALA B 152 34.38 39.61 -19.16
N LYS B 153 34.63 38.63 -18.30
CA LYS B 153 35.92 38.52 -17.63
C LYS B 153 36.90 37.68 -18.44
N VAL B 201 31.78 48.77 -16.83
CA VAL B 201 30.81 49.70 -16.27
C VAL B 201 29.84 48.94 -15.38
N GLN B 202 29.12 49.68 -14.53
CA GLN B 202 28.18 49.07 -13.59
C GLN B 202 26.84 48.71 -14.23
N ALA B 203 26.62 49.07 -15.49
CA ALA B 203 25.36 48.73 -16.15
C ALA B 203 25.20 47.22 -16.30
N ARG B 204 26.31 46.48 -16.33
CA ARG B 204 26.24 45.02 -16.38
C ARG B 204 25.63 44.44 -15.11
N HIS B 205 25.75 45.16 -13.99
CA HIS B 205 25.17 44.68 -12.74
C HIS B 205 23.65 44.83 -12.75
N GLN B 206 23.15 45.91 -13.35
CA GLN B 206 21.70 46.07 -13.47
C GLN B 206 21.09 45.01 -14.36
N GLU B 207 21.84 44.52 -15.35
CA GLU B 207 21.35 43.45 -16.20
C GLU B 207 21.18 42.16 -15.41
N LEU B 208 22.13 41.87 -14.51
CA LEU B 208 22.03 40.66 -13.69
C LEU B 208 20.86 40.74 -12.72
N LEU B 209 20.60 41.94 -12.16
CA LEU B 209 19.46 42.10 -11.28
C LEU B 209 18.15 41.94 -12.03
N LYS B 210 18.11 42.37 -13.29
CA LYS B 210 16.92 42.15 -14.11
C LYS B 210 16.73 40.67 -14.41
N LEU B 211 17.81 39.97 -14.75
CA LEU B 211 17.72 38.54 -15.02
C LEU B 211 17.24 37.78 -13.78
N GLU B 212 17.79 38.11 -12.61
CA GLU B 212 17.40 37.42 -11.39
C GLU B 212 15.95 37.73 -11.02
N LYS B 213 15.49 38.94 -11.29
CA LYS B 213 14.08 39.26 -11.11
C LYS B 213 13.21 38.33 -11.93
N THR B 214 13.50 38.22 -13.23
CA THR B 214 12.69 37.38 -14.11
C THR B 214 12.67 35.93 -13.64
N MET B 215 13.82 35.39 -13.26
CA MET B 215 13.88 33.99 -12.86
C MET B 215 13.15 33.75 -11.56
N ALA B 216 13.12 34.74 -10.66
CA ALA B 216 12.30 34.61 -9.47
C ALA B 216 10.82 34.58 -9.82
N GLU B 217 10.42 35.37 -10.82
CA GLU B 217 9.02 35.34 -11.27
C GLU B 217 8.67 34.01 -11.91
N LEU B 218 9.56 33.48 -12.76
CA LEU B 218 9.30 32.20 -13.40
C LEU B 218 9.19 31.09 -12.36
N THR B 219 9.99 31.16 -11.30
CA THR B 219 9.85 30.21 -10.20
C THR B 219 8.52 30.40 -9.47
N GLN B 220 8.17 31.65 -9.16
CA GLN B 220 6.88 31.92 -8.53
C GLN B 220 5.72 31.51 -9.43
N LEU B 221 5.85 31.78 -10.74
CA LEU B 221 4.81 31.36 -11.68
C LEU B 221 4.76 29.85 -11.80
N PHE B 222 5.93 29.19 -11.79
CA PHE B 222 5.98 27.74 -11.80
C PHE B 222 5.19 27.15 -10.63
N ASN B 223 5.30 27.75 -9.46
CA ASN B 223 4.63 27.22 -8.28
C ASN B 223 3.13 27.51 -8.32
N ASP B 224 2.74 28.69 -8.82
CA ASP B 224 1.32 29.00 -8.93
C ASP B 224 0.61 27.99 -9.83
N MET B 225 1.28 27.56 -10.91
CA MET B 225 0.65 26.63 -11.84
C MET B 225 0.55 25.21 -11.27
N GLU B 226 1.36 24.87 -10.27
CA GLU B 226 1.27 23.57 -9.63
C GLU B 226 0.24 23.54 -8.51
N GLU B 227 -0.18 24.71 -8.01
CA GLU B 227 -1.25 24.74 -7.02
C GLU B 227 -2.53 24.20 -7.63
N LEU B 228 -3.25 23.39 -6.85
CA LEU B 228 -4.52 22.84 -7.31
C LEU B 228 -5.58 23.94 -7.39
N VAL B 229 -6.57 23.71 -8.26
CA VAL B 229 -7.68 24.65 -8.44
C VAL B 229 -8.92 24.02 -7.85
N ILE B 230 -9.56 24.71 -6.90
CA ILE B 230 -10.78 24.21 -6.28
C ILE B 230 -11.80 25.33 -6.17
N ASN C 6 3.23 -8.56 -5.42
CA ASN C 6 2.59 -7.32 -5.00
C ASN C 6 3.25 -6.78 -3.73
N PHE C 7 2.90 -5.53 -3.37
CA PHE C 7 3.53 -4.94 -2.19
C PHE C 7 3.06 -5.62 -0.91
N LEU C 8 1.76 -5.92 -0.81
CA LEU C 8 1.23 -6.52 0.41
C LEU C 8 1.87 -7.89 0.67
N ALA C 9 2.04 -8.70 -0.39
CA ALA C 9 2.69 -9.99 -0.22
C ALA C 9 4.14 -9.81 0.22
N GLU C 10 4.87 -8.90 -0.45
CA GLU C 10 6.26 -8.66 -0.09
C GLU C 10 6.37 -8.08 1.32
N GLN C 11 5.47 -7.17 1.68
CA GLN C 11 5.48 -6.62 3.03
C GLN C 11 5.15 -7.70 4.06
N TYR C 12 4.27 -8.64 3.72
CA TYR C 12 3.94 -9.72 4.64
C TYR C 12 5.14 -10.60 4.91
N GLU C 13 5.91 -10.91 3.86
CA GLU C 13 7.10 -11.75 4.03
C GLU C 13 8.13 -11.06 4.92
N ARG C 14 8.41 -9.78 4.64
CA ARG C 14 9.37 -9.05 5.46
C ARG C 14 8.87 -8.92 6.90
N ASP C 15 7.59 -8.61 7.07
CA ASP C 15 7.03 -8.47 8.41
C ASP C 15 7.05 -9.79 9.16
N ARG C 16 6.62 -10.87 8.51
CA ARG C 16 6.58 -12.18 9.18
C ARG C 16 7.98 -12.61 9.61
N LYS C 17 8.93 -12.54 8.67
CA LYS C 17 10.31 -12.91 9.00
C LYS C 17 10.85 -12.11 10.17
N ALA C 18 10.59 -10.80 10.19
CA ALA C 18 11.08 -9.98 11.29
C ALA C 18 10.37 -10.32 12.61
N ILE C 19 9.05 -10.52 12.55
CA ILE C 19 8.30 -10.85 13.77
C ILE C 19 8.77 -12.18 14.33
N ILE C 20 8.99 -13.17 13.46
CA ILE C 20 9.43 -14.48 13.95
C ILE C 20 10.82 -14.38 14.56
N ASN C 21 11.70 -13.57 13.95
CA ASN C 21 13.07 -13.44 14.44
C ASN C 21 13.09 -12.87 15.85
N CYS C 22 12.45 -11.72 16.06
CA CYS C 22 12.53 -11.06 17.36
C CYS C 22 11.84 -11.86 18.44
N CYS C 23 10.69 -12.47 18.12
CA CYS C 23 9.70 -12.72 19.14
C CYS C 23 9.06 -14.11 19.13
N PHE C 24 9.25 -14.92 18.10
CA PHE C 24 8.63 -16.24 18.03
C PHE C 24 9.63 -17.27 17.50
N SER C 25 10.81 -17.33 18.11
CA SER C 25 11.82 -18.28 17.66
C SER C 25 12.84 -18.58 18.75
N ARG C 26 13.01 -17.68 19.71
CA ARG C 26 14.03 -17.87 20.73
C ARG C 26 13.40 -18.25 22.07
N PRO C 27 14.10 -19.03 22.89
CA PRO C 27 13.61 -19.29 24.24
C PRO C 27 13.50 -18.02 25.06
N ASP C 28 12.70 -18.08 26.12
CA ASP C 28 12.39 -16.92 26.93
C ASP C 28 13.66 -16.31 27.55
N HIS C 29 13.52 -15.08 28.03
CA HIS C 29 14.63 -14.37 28.67
C HIS C 29 14.83 -14.86 30.10
N LYS C 30 13.78 -14.78 30.92
CA LYS C 30 13.86 -15.28 32.30
C LYS C 30 13.67 -16.79 32.34
N THR C 31 12.48 -17.25 31.96
CA THR C 31 12.22 -18.67 31.81
C THR C 31 13.03 -19.20 30.61
N GLY C 32 13.11 -20.53 30.51
CA GLY C 32 13.67 -21.16 29.33
C GLY C 32 12.66 -21.85 28.44
N GLU C 33 11.36 -21.63 28.64
CA GLU C 33 10.34 -22.35 27.89
C GLU C 33 10.38 -21.94 26.42
N PRO C 34 9.93 -22.83 25.53
CA PRO C 34 10.02 -22.54 24.09
C PRO C 34 9.18 -21.33 23.71
N PRO C 35 9.48 -20.69 22.59
CA PRO C 35 8.66 -19.55 22.14
C PRO C 35 7.32 -20.00 21.62
N ASN C 36 6.39 -19.06 21.58
CA ASN C 36 5.11 -19.29 20.93
C ASN C 36 5.34 -19.50 19.43
N ASN C 37 4.36 -20.16 18.80
CA ASN C 37 4.43 -20.46 17.37
C ASN C 37 3.62 -19.42 16.59
N TYR C 38 4.33 -18.67 15.74
CA TYR C 38 3.68 -17.64 14.94
C TYR C 38 2.65 -18.26 14.00
N ILE C 39 1.50 -17.62 13.87
CA ILE C 39 0.45 -18.01 12.93
C ILE C 39 0.33 -17.02 11.79
N THR C 40 -0.05 -15.78 12.10
CA THR C 40 -0.20 -14.73 11.08
C THR C 40 -0.21 -13.39 11.80
N HIS C 41 -0.28 -12.32 11.02
CA HIS C 41 -0.30 -10.97 11.57
C HIS C 41 -1.05 -10.06 10.61
N VAL C 42 -1.31 -8.84 11.07
CA VAL C 42 -1.81 -7.77 10.22
C VAL C 42 -1.39 -6.43 10.83
N ARG C 43 -1.14 -5.45 9.98
CA ARG C 43 -0.87 -4.10 10.44
C ARG C 43 -2.18 -3.36 10.68
N ILE C 44 -2.19 -2.52 11.72
CA ILE C 44 -3.40 -1.81 12.13
C ILE C 44 -3.04 -0.38 12.47
N ILE C 45 -4.04 0.50 12.37
CA ILE C 45 -3.96 1.87 12.84
C ILE C 45 -4.81 1.95 14.11
N GLU C 46 -4.21 2.39 15.20
CA GLU C 46 -4.91 2.60 16.46
C GLU C 46 -4.97 4.09 16.75
N ASP C 47 -6.17 4.56 17.12
CA ASP C 47 -6.38 5.95 17.53
C ASP C 47 -6.30 5.99 19.05
N SER C 48 -5.22 6.55 19.58
CA SER C 48 -5.00 6.55 21.03
C SER C 48 -6.11 7.30 21.76
N LYS C 49 -6.76 8.25 21.09
CA LYS C 49 -7.84 9.00 21.72
C LYS C 49 -9.20 8.32 21.60
N PHE C 50 -9.40 7.51 20.56
CA PHE C 50 -10.64 6.78 20.33
C PHE C 50 -10.32 5.32 20.09
N PRO C 51 -9.92 4.59 21.13
CA PRO C 51 -9.55 3.18 20.93
C PRO C 51 -10.74 2.22 20.94
N SER C 52 -11.93 2.68 21.34
CA SER C 52 -13.05 1.80 21.58
C SER C 52 -14.22 2.00 20.62
N SER C 53 -14.19 3.03 19.78
CA SER C 53 -15.26 3.29 18.84
C SER C 53 -14.67 3.92 17.59
N ARG C 54 -15.52 4.14 16.59
CA ARG C 54 -15.07 4.75 15.36
C ARG C 54 -14.63 6.19 15.63
N PRO C 55 -13.37 6.53 15.38
CA PRO C 55 -12.92 7.90 15.61
C PRO C 55 -13.66 8.88 14.72
N PRO C 56 -13.97 10.07 15.21
CA PRO C 56 -14.51 11.11 14.33
C PRO C 56 -13.52 11.48 13.26
N PRO C 57 -13.97 11.98 12.12
CA PRO C 57 -13.04 12.26 11.01
C PRO C 57 -12.06 13.37 11.29
N ASP C 58 -12.29 14.19 12.32
CA ASP C 58 -11.40 15.30 12.64
C ASP C 58 -10.37 14.94 13.71
N SER C 59 -10.29 13.68 14.11
CA SER C 59 -9.29 13.26 15.09
C SER C 59 -7.90 13.58 14.56
N LYS C 60 -7.06 14.15 15.42
CA LYS C 60 -5.74 14.59 15.00
C LYS C 60 -4.92 13.43 14.46
N LEU C 61 -4.07 13.74 13.47
CA LEU C 61 -3.19 12.72 12.91
C LEU C 61 -2.28 12.11 13.98
N GLU C 62 -1.87 12.90 14.96
CA GLU C 62 -1.03 12.40 16.04
C GLU C 62 -1.74 11.35 16.87
N ASN C 63 -3.08 11.31 16.84
CA ASN C 63 -3.80 10.26 17.54
C ASN C 63 -3.56 8.90 16.93
N LYS C 64 -3.23 8.85 15.63
CA LYS C 64 -3.09 7.58 14.93
C LYS C 64 -1.74 6.95 15.21
N LYS C 65 -1.74 5.70 15.66
CA LYS C 65 -0.53 4.96 15.93
C LYS C 65 -0.50 3.70 15.08
N LYS C 66 0.67 3.38 14.54
CA LYS C 66 0.86 2.16 13.75
C LYS C 66 1.17 1.00 14.69
N ARG C 67 0.34 -0.03 14.66
CA ARG C 67 0.51 -1.20 15.50
C ARG C 67 0.37 -2.46 14.65
N LEU C 68 0.57 -3.61 15.28
CA LEU C 68 0.39 -4.90 14.64
C LEU C 68 -0.42 -5.81 15.53
N LEU C 69 -1.27 -6.62 14.92
CA LEU C 69 -1.94 -7.73 15.60
C LEU C 69 -1.28 -9.01 15.15
N ILE C 70 -0.94 -9.87 16.10
CA ILE C 70 -0.26 -11.14 15.81
C ILE C 70 -1.01 -12.26 16.49
N LEU C 71 -1.30 -13.32 15.74
CA LEU C 71 -1.89 -14.54 16.28
C LEU C 71 -0.80 -15.59 16.45
N SER C 72 -0.83 -16.30 17.58
CA SER C 72 0.17 -17.31 17.86
C SER C 72 -0.44 -18.40 18.73
N ALA C 73 0.25 -19.53 18.77
CA ALA C 73 -0.17 -20.70 19.53
C ALA C 73 0.88 -21.03 20.59
N LYS C 74 0.42 -21.51 21.74
CA LYS C 74 1.33 -21.95 22.78
C LYS C 74 2.15 -23.14 22.28
N PRO C 75 3.41 -23.25 22.69
CA PRO C 75 4.28 -24.28 22.09
C PRO C 75 3.79 -25.70 22.29
N ASN C 76 3.25 -26.01 23.47
CA ASN C 76 2.84 -27.38 23.78
C ASN C 76 1.33 -27.58 23.76
N ASN C 77 0.58 -26.61 23.23
CA ASN C 77 -0.87 -26.77 23.12
C ASN C 77 -1.34 -25.89 21.96
N ALA C 78 -1.60 -26.51 20.82
CA ALA C 78 -2.08 -25.77 19.65
C ALA C 78 -3.49 -25.23 19.85
N LYS C 79 -4.21 -25.72 20.85
CA LYS C 79 -5.55 -25.23 21.16
C LYS C 79 -5.54 -23.96 22.00
N LEU C 80 -4.37 -23.45 22.35
CA LEU C 80 -4.24 -22.22 23.13
C LEU C 80 -3.66 -21.14 22.22
N ILE C 81 -4.55 -20.33 21.65
CA ILE C 81 -4.17 -19.27 20.75
C ILE C 81 -4.14 -17.96 21.52
N GLN C 82 -3.22 -17.07 21.15
CA GLN C 82 -3.14 -15.75 21.76
C GLN C 82 -3.06 -14.69 20.67
N ILE C 83 -3.68 -13.54 20.95
CA ILE C 83 -3.57 -12.36 20.10
C ILE C 83 -2.65 -11.37 20.81
N HIS C 84 -1.65 -10.88 20.08
CA HIS C 84 -0.74 -9.88 20.61
C HIS C 84 -0.89 -8.58 19.82
N LYS C 85 -0.70 -7.47 20.50
CA LYS C 85 -0.56 -6.16 19.88
C LYS C 85 0.88 -5.71 20.06
N ALA C 86 1.51 -5.29 18.98
CA ALA C 86 2.92 -4.93 19.01
C ALA C 86 3.14 -3.63 18.24
N ARG C 87 4.28 -3.01 18.52
CA ARG C 87 4.77 -1.88 17.73
C ARG C 87 6.15 -2.23 17.18
N GLU C 88 6.53 -1.53 16.11
CA GLU C 88 7.78 -1.82 15.42
C GLU C 88 8.88 -0.90 15.91
N ASN C 89 10.01 -1.49 16.31
CA ASN C 89 11.17 -0.72 16.72
C ASN C 89 11.92 -0.20 15.49
N SER C 90 12.83 0.73 15.73
CA SER C 90 13.58 1.35 14.64
C SER C 90 14.61 0.42 14.01
N ASP C 91 14.95 -0.68 14.66
CA ASP C 91 15.90 -1.65 14.11
C ASP C 91 15.23 -2.77 13.34
N GLY C 92 13.90 -2.76 13.23
CA GLY C 92 13.17 -3.82 12.57
C GLY C 92 12.56 -4.84 13.51
N SER C 93 12.91 -4.83 14.78
CA SER C 93 12.30 -5.73 15.74
C SER C 93 10.96 -5.16 16.21
N PHE C 94 10.25 -5.96 17.01
CA PHE C 94 8.91 -5.61 17.45
C PHE C 94 8.80 -5.75 18.95
N GLN C 95 7.93 -4.94 19.54
CA GLN C 95 7.75 -4.86 21.00
C GLN C 95 6.28 -5.14 21.31
N ILE C 96 6.02 -6.31 21.90
CA ILE C 96 4.67 -6.71 22.24
C ILE C 96 4.23 -5.97 23.51
N GLY C 97 3.07 -5.31 23.44
CA GLY C 97 2.61 -4.52 24.57
C GLY C 97 1.37 -5.07 25.25
N ARG C 98 0.71 -6.05 24.63
CA ARG C 98 -0.54 -6.56 25.18
C ARG C 98 -0.87 -7.90 24.53
N THR C 99 -1.36 -8.83 25.34
CA THR C 99 -1.74 -10.16 24.88
C THR C 99 -3.15 -10.49 25.35
N TRP C 100 -3.92 -11.15 24.48
CA TRP C 100 -5.24 -11.66 24.82
C TRP C 100 -5.28 -13.16 24.58
N GLN C 101 -6.09 -13.86 25.39
CA GLN C 101 -6.41 -15.24 25.10
C GLN C 101 -7.56 -15.29 24.09
N LEU C 102 -7.45 -16.18 23.10
CA LEU C 102 -8.45 -16.24 22.04
C LEU C 102 -9.85 -16.50 22.59
N THR C 103 -9.95 -17.20 23.72
CA THR C 103 -11.26 -17.44 24.33
C THR C 103 -11.96 -16.14 24.71
N GLU C 104 -11.23 -15.03 24.82
CA GLU C 104 -11.85 -13.75 25.15
C GLU C 104 -12.59 -13.15 23.97
N LEU C 105 -12.34 -13.62 22.76
CA LEU C 105 -13.02 -13.07 21.58
C LEU C 105 -14.47 -13.51 21.58
N VAL C 106 -15.38 -12.56 21.75
CA VAL C 106 -16.80 -12.85 21.81
C VAL C 106 -17.61 -12.12 20.76
N ARG C 107 -17.02 -11.20 20.01
CA ARG C 107 -17.75 -10.45 19.00
C ARG C 107 -16.78 -9.80 18.03
N VAL C 108 -17.12 -9.87 16.74
CA VAL C 108 -16.29 -9.32 15.66
C VAL C 108 -17.21 -8.58 14.71
N GLU C 109 -16.99 -7.28 14.54
CA GLU C 109 -17.90 -6.44 13.77
C GLU C 109 -17.17 -5.76 12.63
N LYS C 110 -17.76 -5.77 11.44
CA LYS C 110 -17.27 -5.00 10.31
C LYS C 110 -17.89 -3.60 10.34
N ASP C 111 -17.07 -2.58 10.14
CA ASP C 111 -17.56 -1.21 10.05
C ASP C 111 -18.11 -0.97 8.64
N LEU C 112 -19.41 -0.67 8.56
CA LEU C 112 -20.05 -0.44 7.28
C LEU C 112 -19.71 0.91 6.65
N GLU C 113 -19.27 1.88 7.45
CA GLU C 113 -18.96 3.20 6.93
C GLU C 113 -17.49 3.36 6.56
N ILE C 114 -16.59 2.63 7.22
CA ILE C 114 -15.16 2.71 6.96
C ILE C 114 -14.68 1.36 6.46
N SER C 115 -14.17 1.34 5.23
CA SER C 115 -13.79 0.09 4.59
C SER C 115 -12.62 -0.60 5.26
N GLU C 116 -11.94 0.06 6.20
CA GLU C 116 -10.80 -0.52 6.90
C GLU C 116 -11.10 -0.83 8.37
N GLY C 117 -12.22 -0.34 8.90
CA GLY C 117 -12.48 -0.44 10.32
C GLY C 117 -13.15 -1.74 10.73
N PHE C 118 -12.78 -2.21 11.92
CA PHE C 118 -13.38 -3.40 12.50
C PHE C 118 -13.28 -3.27 14.02
N ILE C 119 -14.15 -3.99 14.72
CA ILE C 119 -14.23 -3.90 16.16
C ILE C 119 -14.18 -5.31 16.73
N LEU C 120 -13.20 -5.57 17.60
CA LEU C 120 -13.10 -6.83 18.32
C LEU C 120 -13.52 -6.62 19.76
N THR C 121 -14.45 -7.43 20.24
CA THR C 121 -14.87 -7.39 21.63
C THR C 121 -14.18 -8.51 22.38
N MET C 122 -13.43 -8.14 23.43
CA MET C 122 -12.77 -9.10 24.29
C MET C 122 -13.24 -8.80 25.69
N SER C 123 -12.41 -8.20 26.54
CA SER C 123 -12.95 -7.62 27.77
C SER C 123 -13.71 -6.34 27.49
N LYS C 124 -13.40 -5.68 26.37
CA LYS C 124 -14.09 -4.48 25.94
C LYS C 124 -14.01 -4.39 24.43
N LYS C 125 -14.57 -3.33 23.87
CA LYS C 125 -14.50 -3.10 22.44
C LYS C 125 -13.19 -2.45 22.07
N TYR C 126 -12.59 -2.92 20.97
CA TYR C 126 -11.39 -2.32 20.41
C TYR C 126 -11.67 -1.99 18.95
N TYR C 127 -11.63 -0.70 18.62
CA TYR C 127 -11.74 -0.27 17.24
C TYR C 127 -10.35 -0.15 16.63
N TRP C 128 -10.16 -0.82 15.49
CA TRP C 128 -8.91 -0.73 14.74
C TRP C 128 -9.23 -0.64 13.26
N GLU C 129 -8.27 -0.13 12.49
CA GLU C 129 -8.34 -0.13 11.05
C GLU C 129 -7.12 -0.84 10.48
N THR C 130 -7.35 -1.68 9.47
CA THR C 130 -6.26 -2.12 8.63
C THR C 130 -5.87 -0.98 7.69
N ASN C 131 -4.84 -1.21 6.87
CA ASN C 131 -4.46 -0.22 5.88
C ASN C 131 -5.30 -0.28 4.62
N SER C 132 -6.00 -1.39 4.38
CA SER C 132 -6.85 -1.52 3.20
C SER C 132 -7.98 -2.51 3.50
N ALA C 133 -9.07 -2.36 2.75
CA ALA C 133 -10.21 -3.27 2.91
C ALA C 133 -9.80 -4.71 2.69
N LYS C 134 -8.92 -4.96 1.72
CA LYS C 134 -8.45 -6.31 1.47
C LYS C 134 -7.80 -6.92 2.70
N GLU C 135 -7.00 -6.12 3.43
CA GLU C 135 -6.31 -6.65 4.59
C GLU C 135 -7.28 -6.94 5.74
N ARG C 136 -8.36 -6.16 5.85
CA ARG C 136 -9.40 -6.49 6.83
C ARG C 136 -10.01 -7.84 6.52
N THR C 137 -10.39 -8.06 5.25
CA THR C 137 -10.99 -9.33 4.86
C THR C 137 -10.05 -10.49 5.16
N VAL C 138 -8.80 -10.37 4.73
CA VAL C 138 -7.84 -11.47 4.89
C VAL C 138 -7.61 -11.78 6.37
N PHE C 139 -7.36 -10.75 7.17
CA PHE C 139 -7.03 -11.01 8.58
C PHE C 139 -8.23 -11.53 9.35
N ILE C 140 -9.40 -10.91 9.17
CA ILE C 140 -10.58 -11.37 9.90
C ILE C 140 -10.92 -12.80 9.52
N LYS C 141 -10.83 -13.12 8.24
CA LYS C 141 -10.98 -14.50 7.80
C LYS C 141 -10.03 -15.43 8.55
N SER C 142 -8.77 -15.02 8.69
CA SER C 142 -7.81 -15.84 9.45
C SER C 142 -8.25 -15.99 10.89
N LEU C 143 -8.75 -14.92 11.50
CA LEU C 143 -9.08 -14.94 12.92
C LEU C 143 -10.30 -15.82 13.19
N ILE C 144 -11.36 -15.66 12.39
CA ILE C 144 -12.56 -16.48 12.59
C ILE C 144 -12.27 -17.94 12.26
N THR C 145 -11.57 -18.19 11.15
CA THR C 145 -11.17 -19.55 10.81
C THR C 145 -10.37 -20.20 11.94
N LEU C 146 -9.45 -19.44 12.54
CA LEU C 146 -8.67 -19.97 13.66
C LEU C 146 -9.55 -20.25 14.87
N TYR C 147 -10.51 -19.35 15.15
CA TYR C 147 -11.41 -19.57 16.28
C TYR C 147 -12.24 -20.83 16.09
N ILE C 148 -12.88 -20.97 14.92
CA ILE C 148 -13.76 -22.11 14.68
C ILE C 148 -13.00 -23.42 14.81
N GLN C 149 -11.74 -23.44 14.35
CA GLN C 149 -10.93 -24.64 14.46
C GLN C 149 -10.46 -24.86 15.90
N THR C 150 -10.06 -23.79 16.58
CA THR C 150 -9.54 -23.91 17.95
C THR C 150 -10.63 -24.42 18.90
N PHE C 151 -11.81 -23.81 18.85
CA PHE C 151 -12.90 -24.18 19.74
C PHE C 151 -13.91 -25.11 19.08
N GLU C 152 -13.49 -25.78 18.02
CA GLU C 152 -14.18 -26.94 17.45
C GLU C 152 -15.68 -26.66 17.22
N GLY C 153 -15.94 -25.84 16.21
CA GLY C 153 -17.29 -25.61 15.76
C GLY C 153 -18.04 -24.52 16.48
N HIS C 154 -17.36 -23.66 17.22
CA HIS C 154 -17.98 -22.47 17.80
C HIS C 154 -17.42 -21.23 17.10
N VAL C 155 -18.20 -20.16 17.13
CA VAL C 155 -17.82 -18.90 16.50
C VAL C 155 -18.28 -17.74 17.37
N PRO C 156 -17.51 -16.66 17.48
CA PRO C 156 -18.01 -15.47 18.18
C PRO C 156 -19.14 -14.83 17.40
N GLU C 157 -19.82 -13.90 18.06
CA GLU C 157 -20.88 -13.15 17.40
C GLU C 157 -20.31 -12.37 16.22
N LEU C 158 -20.92 -12.51 15.06
CA LEU C 158 -20.47 -11.85 13.84
C LEU C 158 -21.49 -10.79 13.45
N VAL C 159 -21.00 -9.60 13.10
CA VAL C 159 -21.83 -8.45 12.77
C VAL C 159 -21.35 -7.86 11.45
N ASN C 160 -22.23 -7.83 10.46
CA ASN C 160 -22.02 -7.18 9.17
C ASN C 160 -20.97 -7.87 8.30
N TRP C 161 -20.74 -9.16 8.52
CA TRP C 161 -19.84 -9.94 7.68
C TRP C 161 -20.63 -10.84 6.74
N ASP C 162 -20.12 -11.02 5.53
CA ASP C 162 -20.61 -12.08 4.66
C ASP C 162 -20.19 -13.42 5.23
N LEU C 163 -21.17 -14.19 5.73
CA LEU C 163 -20.86 -15.44 6.43
C LEU C 163 -20.10 -16.42 5.56
N SER C 164 -20.34 -16.39 4.24
CA SER C 164 -19.65 -17.31 3.33
C SER C 164 -18.14 -17.13 3.35
N LEU C 165 -17.65 -15.97 3.81
CA LEU C 165 -16.21 -15.77 3.92
C LEU C 165 -15.58 -16.76 4.89
N PHE C 166 -16.32 -17.15 5.93
CA PHE C 166 -15.87 -18.13 6.89
C PHE C 166 -16.40 -19.53 6.60
N TYR C 167 -16.93 -19.75 5.39
CA TYR C 167 -17.53 -21.02 4.98
C TYR C 167 -18.69 -21.41 5.88
N LEU C 168 -19.44 -20.40 6.33
CA LEU C 168 -20.69 -20.59 7.06
C LEU C 168 -21.86 -20.07 6.22
N ASP C 169 -23.05 -20.53 6.56
CA ASP C 169 -24.27 -19.87 6.12
C ASP C 169 -25.07 -19.50 7.37
N GLU C 170 -26.29 -18.99 7.15
CA GLU C 170 -27.08 -18.49 8.28
C GLU C 170 -27.41 -19.60 9.27
N ARG C 171 -27.78 -20.78 8.77
CA ARG C 171 -28.16 -21.87 9.66
C ARG C 171 -26.95 -22.37 10.45
N SER C 172 -25.81 -22.58 9.78
CA SER C 172 -24.63 -23.06 10.48
C SER C 172 -24.10 -22.03 11.47
N TYR C 173 -24.22 -20.74 11.14
CA TYR C 173 -23.80 -19.71 12.10
C TYR C 173 -24.66 -19.73 13.35
N GLN C 174 -25.97 -19.92 13.19
CA GLN C 174 -26.85 -19.97 14.36
C GLN C 174 -26.57 -21.20 15.21
N ARG C 175 -26.12 -22.30 14.59
CA ARG C 175 -25.77 -23.50 15.36
C ARG C 175 -24.43 -23.35 16.07
N ALA C 176 -23.53 -22.50 15.55
CA ALA C 176 -22.18 -22.43 16.05
C ALA C 176 -21.92 -21.23 16.96
N VAL C 177 -22.72 -20.17 16.85
CA VAL C 177 -22.43 -18.94 17.59
C VAL C 177 -22.50 -19.19 19.08
N ILE C 178 -21.62 -18.51 19.82
CA ILE C 178 -21.45 -18.81 21.24
C ILE C 178 -22.62 -18.32 22.09
N THR C 179 -23.46 -17.44 21.54
CA THR C 179 -24.65 -17.03 22.28
C THR C 179 -25.59 -18.20 22.50
N ASN C 180 -25.69 -19.10 21.52
CA ASN C 180 -26.55 -20.26 21.62
C ASN C 180 -25.78 -21.46 22.17
N PRO D 10 5.66 -27.47 2.21
CA PRO D 10 5.98 -27.60 0.80
C PRO D 10 4.96 -26.84 -0.05
N TYR D 11 3.68 -27.03 0.26
CA TYR D 11 2.59 -26.33 -0.42
C TYR D 11 1.68 -25.65 0.59
N GLU D 12 2.21 -25.32 1.76
CA GLU D 12 1.43 -24.73 2.83
C GLU D 12 1.14 -23.27 2.59
N ASN D 13 -0.12 -22.87 2.81
CA ASN D 13 -0.57 -21.51 2.58
C ASN D 13 0.08 -20.56 3.58
N ASN D 14 1.22 -19.98 3.21
CA ASN D 14 2.02 -19.18 4.11
C ASN D 14 1.77 -17.69 3.96
N ASN D 15 1.72 -17.17 2.74
CA ASN D 15 1.49 -15.75 2.51
C ASN D 15 0.09 -15.54 1.94
N PRO D 16 -0.90 -15.14 2.74
CA PRO D 16 -2.26 -14.96 2.23
C PRO D 16 -2.44 -13.76 1.32
N TYR D 17 -1.36 -13.03 1.00
CA TYR D 17 -1.43 -11.88 0.11
C TYR D 17 -0.72 -12.13 -1.22
N ALA D 18 -0.28 -13.36 -1.46
CA ALA D 18 0.43 -13.70 -2.70
C ALA D 18 -0.51 -13.65 -3.90
N GLY D 37 -10.84 -25.78 -28.17
CA GLY D 37 -10.77 -26.38 -26.86
C GLY D 37 -12.14 -26.69 -26.28
N SER D 38 -13.10 -26.98 -27.16
CA SER D 38 -14.47 -27.24 -26.71
C SER D 38 -14.58 -28.60 -26.04
N ASP D 39 -14.07 -29.65 -26.71
CA ASP D 39 -14.13 -30.99 -26.13
C ASP D 39 -13.34 -31.09 -24.84
N ASP D 40 -12.23 -30.35 -24.74
CA ASP D 40 -11.43 -30.40 -23.53
C ASP D 40 -12.15 -29.76 -22.34
N PHE D 41 -12.83 -28.63 -22.58
CA PHE D 41 -13.62 -28.02 -21.53
C PHE D 41 -14.82 -28.90 -21.17
N VAL D 42 -15.40 -29.57 -22.17
CA VAL D 42 -16.48 -30.52 -21.90
C VAL D 42 -15.98 -31.65 -21.01
N ALA D 43 -14.82 -32.24 -21.38
CA ALA D 43 -14.23 -33.27 -20.54
C ALA D 43 -13.93 -32.75 -19.14
N PHE D 44 -13.48 -31.50 -19.04
CA PHE D 44 -13.26 -30.89 -17.73
C PHE D 44 -14.57 -30.77 -16.97
N MET D 45 -15.62 -30.28 -17.64
CA MET D 45 -16.91 -30.11 -16.98
C MET D 45 -17.46 -31.45 -16.51
N ASN D 46 -17.13 -32.54 -17.19
CA ASN D 46 -17.51 -33.87 -16.71
C ASN D 46 -16.90 -34.13 -15.34
N LYS D 47 -15.64 -33.74 -15.14
CA LYS D 47 -15.02 -33.90 -13.82
C LYS D 47 -15.73 -33.05 -12.78
N ILE D 48 -16.08 -31.81 -13.13
CA ILE D 48 -16.80 -30.95 -12.20
C ILE D 48 -18.16 -31.55 -11.86
N ASN D 49 -18.85 -32.09 -12.87
CA ASN D 49 -20.16 -32.70 -12.63
C ASN D 49 -20.04 -33.86 -11.65
N SER D 50 -19.00 -34.69 -11.80
CA SER D 50 -18.80 -35.80 -10.88
C SER D 50 -18.51 -35.31 -9.47
N ILE D 51 -17.78 -34.20 -9.35
CA ILE D 51 -17.49 -33.64 -8.02
C ILE D 51 -18.78 -33.15 -7.38
N ASN D 52 -19.61 -32.42 -8.15
CA ASN D 52 -20.86 -31.91 -7.61
C ASN D 52 -21.78 -33.05 -7.17
N ALA D 53 -21.79 -34.15 -7.91
CA ALA D 53 -22.60 -35.30 -7.52
C ALA D 53 -22.13 -35.87 -6.19
N ASN D 54 -20.81 -35.99 -6.01
CA ASN D 54 -20.28 -36.48 -4.74
C ASN D 54 -20.49 -35.47 -3.62
N LEU D 55 -20.49 -34.18 -3.93
CA LEU D 55 -20.77 -33.18 -2.92
C LEU D 55 -22.20 -33.32 -2.40
N SER D 56 -23.13 -33.66 -3.29
CA SER D 56 -24.51 -33.90 -2.85
C SER D 56 -24.58 -35.14 -1.96
N ARG D 57 -23.84 -36.20 -2.33
CA ARG D 57 -23.79 -37.37 -1.48
C ARG D 57 -23.19 -37.03 -0.11
N TYR D 58 -22.17 -36.18 -0.11
CA TYR D 58 -21.56 -35.76 1.15
C TYR D 58 -22.55 -34.98 2.00
N GLU D 59 -23.28 -34.04 1.38
CA GLU D 59 -24.26 -33.26 2.12
C GLU D 59 -25.33 -34.15 2.74
N ASN D 60 -25.80 -35.16 1.99
CA ASN D 60 -26.82 -36.05 2.53
C ASN D 60 -26.27 -36.88 3.70
N ILE D 61 -25.04 -37.39 3.57
CA ILE D 61 -24.44 -38.16 4.65
C ILE D 61 -24.32 -37.31 5.90
N ILE D 62 -23.85 -36.07 5.75
CA ILE D 62 -23.78 -35.15 6.88
C ILE D 62 -25.18 -34.91 7.44
N ASN D 63 -26.17 -34.74 6.56
CA ASN D 63 -27.54 -34.55 7.01
C ASN D 63 -28.05 -35.76 7.78
N GLN D 64 -27.75 -36.97 7.29
CA GLN D 64 -28.20 -38.18 7.98
C GLN D 64 -27.49 -38.33 9.32
N ILE D 65 -26.18 -38.08 9.36
CA ILE D 65 -25.45 -38.14 10.63
C ILE D 65 -26.09 -37.21 11.65
N ASP D 66 -26.45 -35.99 11.22
CA ASP D 66 -27.12 -35.04 12.11
C ASP D 66 -28.43 -35.61 12.62
N ALA D 67 -29.16 -36.35 11.77
CA ALA D 67 -30.45 -36.88 12.19
C ALA D 67 -30.28 -38.00 13.22
N GLN D 68 -29.31 -38.88 13.02
CA GLN D 68 -29.07 -39.95 13.98
C GLN D 68 -28.56 -39.41 15.30
N HIS D 69 -27.87 -38.27 15.28
CA HIS D 69 -27.56 -37.57 16.52
C HIS D 69 -28.84 -37.19 17.26
N LYS D 70 -29.82 -36.66 16.53
CA LYS D 70 -31.09 -36.29 17.15
C LYS D 70 -31.84 -37.51 17.66
N ASP D 71 -31.85 -38.59 16.88
CA ASP D 71 -32.48 -39.83 17.33
C ASP D 71 -31.88 -40.30 18.65
N LEU D 72 -30.56 -40.30 18.75
CA LEU D 72 -29.88 -40.73 19.98
C LEU D 72 -30.24 -39.84 21.16
N LEU D 73 -30.49 -38.56 20.91
CA LEU D 73 -30.83 -37.65 22.00
C LEU D 73 -32.27 -37.80 22.48
N THR D 74 -33.16 -38.34 21.64
CA THR D 74 -34.40 -38.89 22.15
C THR D 74 -34.11 -40.19 22.88
N GLN D 75 -34.83 -40.44 23.97
CA GLN D 75 -34.54 -41.65 24.75
C GLN D 75 -34.98 -42.87 23.97
N VAL D 76 -34.01 -43.70 23.58
CA VAL D 76 -34.23 -44.88 22.75
C VAL D 76 -34.06 -46.12 23.62
N SER D 77 -34.76 -47.20 23.24
CA SER D 77 -34.63 -48.46 23.95
C SER D 77 -33.21 -48.98 23.87
N GLU D 78 -32.85 -49.82 24.85
CA GLU D 78 -31.49 -50.36 24.92
C GLU D 78 -31.17 -51.22 23.70
N GLU D 79 -32.13 -52.03 23.25
CA GLU D 79 -31.89 -52.87 22.08
C GLU D 79 -31.73 -52.04 20.82
N GLN D 80 -32.56 -51.00 20.66
CA GLN D 80 -32.51 -50.18 19.46
C GLN D 80 -31.34 -49.21 19.46
N GLU D 81 -30.85 -48.81 20.64
CA GLU D 81 -29.74 -47.86 20.69
C GLU D 81 -28.49 -48.43 20.05
N MET D 82 -28.27 -49.75 20.15
CA MET D 82 -27.10 -50.35 19.53
C MET D 82 -27.20 -50.29 18.01
N GLU D 83 -28.36 -50.64 17.46
CA GLU D 83 -28.56 -50.56 16.01
C GLU D 83 -28.36 -49.14 15.51
N LEU D 84 -28.74 -48.14 16.32
CA LEU D 84 -28.60 -46.75 15.89
C LEU D 84 -27.14 -46.31 15.93
N ARG D 85 -26.39 -46.76 16.94
CA ARG D 85 -24.97 -46.44 16.98
C ARG D 85 -24.20 -47.17 15.87
N ARG D 86 -24.65 -48.36 15.49
CA ARG D 86 -24.12 -49.03 14.30
C ARG D 86 -24.38 -48.20 13.04
N SER D 87 -25.60 -47.67 12.90
CA SER D 87 -25.92 -46.83 11.75
C SER D 87 -25.09 -45.57 11.73
N LEU D 88 -24.96 -44.91 12.88
CA LEU D 88 -24.14 -43.71 12.98
C LEU D 88 -22.71 -44.00 12.58
N ASP D 89 -22.16 -45.12 13.05
CA ASP D 89 -20.78 -45.49 12.71
C ASP D 89 -20.62 -45.72 11.22
N ASP D 90 -21.63 -46.32 10.59
CA ASP D 90 -21.56 -46.60 9.16
C ASP D 90 -21.51 -45.31 8.35
N TYR D 91 -22.35 -44.33 8.70
CA TYR D 91 -22.37 -43.07 7.96
C TYR D 91 -21.10 -42.26 8.19
N ILE D 92 -20.50 -42.38 9.39
CA ILE D 92 -19.25 -41.67 9.66
C ILE D 92 -18.14 -42.19 8.76
N SER D 93 -18.08 -43.50 8.55
CA SER D 93 -17.08 -44.07 7.66
C SER D 93 -17.36 -43.72 6.21
N GLN D 94 -18.63 -43.56 5.84
CA GLN D 94 -18.96 -43.09 4.49
C GLN D 94 -18.45 -41.68 4.28
N ALA D 95 -18.69 -40.80 5.25
CA ALA D 95 -18.23 -39.41 5.13
C ALA D 95 -16.71 -39.36 5.03
N THR D 96 -16.02 -40.20 5.80
CA THR D 96 -14.56 -40.28 5.70
C THR D 96 -14.15 -40.71 4.29
N ASP D 97 -14.84 -41.72 3.74
CA ASP D 97 -14.50 -42.22 2.42
C ASP D 97 -14.73 -41.16 1.35
N LEU D 98 -15.89 -40.50 1.38
CA LEU D 98 -16.14 -39.43 0.42
C LEU D 98 -15.16 -38.28 0.59
N GLN D 99 -14.69 -38.05 1.82
CA GLN D 99 -13.73 -36.98 2.05
C GLN D 99 -12.42 -37.24 1.30
N TYR D 100 -11.95 -38.50 1.31
CA TYR D 100 -10.80 -38.88 0.51
C TYR D 100 -11.03 -38.57 -0.97
N GLN D 101 -12.20 -38.95 -1.48
CA GLN D 101 -12.48 -38.81 -2.90
C GLN D 101 -12.61 -37.34 -3.31
N LEU D 102 -13.34 -36.56 -2.52
CA LEU D 102 -13.55 -35.16 -2.88
C LEU D 102 -12.26 -34.37 -2.79
N LYS D 103 -11.42 -34.66 -1.80
CA LYS D 103 -10.13 -33.98 -1.69
C LYS D 103 -9.29 -34.21 -2.94
N ALA D 104 -9.22 -35.46 -3.41
CA ALA D 104 -8.38 -35.79 -4.56
C ALA D 104 -8.94 -35.22 -5.84
N ASP D 105 -10.25 -35.36 -6.06
CA ASP D 105 -10.84 -34.94 -7.32
C ASP D 105 -10.85 -33.42 -7.45
N ILE D 106 -11.07 -32.71 -6.33
CA ILE D 106 -11.10 -31.26 -6.38
C ILE D 106 -9.70 -30.71 -6.64
N LYS D 107 -8.68 -31.27 -5.98
CA LYS D 107 -7.31 -30.84 -6.23
C LYS D 107 -6.90 -31.15 -7.67
N ASP D 108 -7.37 -32.28 -8.21
CA ASP D 108 -7.08 -32.60 -9.60
C ASP D 108 -7.79 -31.62 -10.54
N ALA D 109 -9.02 -31.23 -10.22
CA ALA D 109 -9.69 -30.22 -11.01
C ALA D 109 -9.01 -28.87 -10.87
N GLN D 110 -8.48 -28.56 -9.69
CA GLN D 110 -7.75 -27.31 -9.51
C GLN D 110 -6.52 -27.26 -10.40
N ARG D 111 -5.78 -28.37 -10.50
CA ARG D 111 -4.62 -28.42 -11.38
C ARG D 111 -5.03 -28.25 -12.83
N ASP D 112 -6.11 -28.90 -13.25
CA ASP D 112 -6.54 -28.82 -14.65
C ASP D 112 -6.95 -27.40 -15.03
N GLY D 113 -7.37 -26.61 -14.05
CA GLY D 113 -7.83 -25.26 -14.31
C GLY D 113 -6.80 -24.17 -14.21
N LEU D 114 -5.55 -24.50 -13.89
CA LEU D 114 -4.52 -23.48 -13.74
C LEU D 114 -4.34 -22.71 -15.04
N HIS D 115 -4.34 -21.38 -14.92
CA HIS D 115 -4.17 -20.43 -16.02
C HIS D 115 -5.33 -20.44 -17.00
N ASP D 116 -6.47 -21.00 -16.61
CA ASP D 116 -7.72 -20.90 -17.36
C ASP D 116 -8.78 -20.34 -16.42
N SER D 117 -9.22 -19.11 -16.67
CA SER D 117 -10.16 -18.45 -15.77
C SER D 117 -11.46 -19.23 -15.67
N ASN D 118 -12.00 -19.70 -16.80
CA ASN D 118 -13.28 -20.40 -16.78
C ASN D 118 -13.18 -21.73 -16.05
N LYS D 119 -12.11 -22.49 -16.31
CA LYS D 119 -11.92 -23.75 -15.59
C LYS D 119 -11.67 -23.50 -14.10
N GLN D 120 -10.78 -22.55 -13.79
CA GLN D 120 -10.39 -22.32 -12.40
C GLN D 120 -11.57 -21.92 -11.54
N ALA D 121 -12.42 -21.01 -12.03
CA ALA D 121 -13.59 -20.60 -11.27
C ALA D 121 -14.49 -21.78 -10.96
N GLN D 122 -14.56 -22.77 -11.87
CA GLN D 122 -15.38 -23.94 -11.63
C GLN D 122 -14.81 -24.80 -10.50
N ALA D 123 -13.50 -25.08 -10.55
CA ALA D 123 -12.89 -25.89 -9.50
C ALA D 123 -12.93 -25.17 -8.16
N GLU D 124 -12.73 -23.85 -8.15
CA GLU D 124 -12.75 -23.12 -6.90
C GLU D 124 -14.16 -23.06 -6.32
N ASN D 125 -15.18 -23.05 -7.17
CA ASN D 125 -16.55 -23.18 -6.67
C ASN D 125 -16.76 -24.51 -5.97
N CYS D 126 -16.18 -25.58 -6.53
CA CYS D 126 -16.29 -26.89 -5.89
C CYS D 126 -15.53 -26.91 -4.57
N ARG D 127 -14.34 -26.31 -4.54
CA ARG D 127 -13.57 -26.25 -3.29
C ARG D 127 -14.32 -25.48 -2.21
N GLN D 128 -14.97 -24.37 -2.60
CA GLN D 128 -15.72 -23.59 -1.63
C GLN D 128 -16.92 -24.37 -1.09
N LYS D 129 -17.62 -25.07 -1.96
CA LYS D 129 -18.77 -25.87 -1.50
C LYS D 129 -18.32 -26.99 -0.58
N PHE D 130 -17.16 -27.59 -0.88
CA PHE D 130 -16.62 -28.63 -0.01
C PHE D 130 -16.25 -28.07 1.35
N LEU D 131 -15.58 -26.91 1.37
CA LEU D 131 -15.18 -26.30 2.64
C LEU D 131 -16.39 -25.99 3.51
N LYS D 132 -17.47 -25.51 2.91
CA LYS D 132 -18.68 -25.22 3.67
C LYS D 132 -19.27 -26.50 4.27
N LEU D 133 -19.28 -27.58 3.48
CA LEU D 133 -19.83 -28.85 3.97
C LEU D 133 -18.99 -29.39 5.13
N ILE D 134 -17.67 -29.30 5.04
CA ILE D 134 -16.82 -29.74 6.15
C ILE D 134 -17.14 -28.91 7.40
N GLN D 135 -17.41 -27.62 7.23
CA GLN D 135 -17.79 -26.78 8.36
C GLN D 135 -19.14 -27.20 8.93
N ASP D 136 -20.10 -27.53 8.05
CA ASP D 136 -21.38 -28.05 8.50
C ASP D 136 -21.18 -29.30 9.36
N TYR D 137 -20.38 -30.25 8.86
CA TYR D 137 -20.10 -31.47 9.61
C TYR D 137 -19.48 -31.16 10.96
N ARG D 138 -18.51 -30.22 10.99
CA ARG D 138 -17.83 -29.89 12.23
C ARG D 138 -18.79 -29.30 13.25
N ILE D 139 -19.65 -28.38 12.83
CA ILE D 139 -20.60 -27.75 13.75
C ILE D 139 -21.64 -28.76 14.23
N ILE D 140 -22.07 -29.65 13.33
CA ILE D 140 -23.04 -30.68 13.70
C ILE D 140 -22.48 -31.57 14.81
N ASP D 141 -21.21 -31.97 14.69
CA ASP D 141 -20.58 -32.76 15.73
C ASP D 141 -20.34 -31.95 17.00
N SER D 142 -20.12 -30.64 16.86
CA SER D 142 -19.95 -29.78 18.03
C SER D 142 -21.22 -29.71 18.85
N ASN D 143 -22.35 -29.44 18.18
CA ASN D 143 -23.65 -29.42 18.86
C ASN D 143 -23.90 -30.74 19.57
N TYR D 144 -23.68 -31.85 18.87
CA TYR D 144 -23.94 -33.16 19.46
C TYR D 144 -23.04 -33.43 20.65
N LYS D 145 -21.79 -32.95 20.59
CA LYS D 145 -20.86 -33.21 21.68
C LYS D 145 -21.34 -32.61 23.00
N GLU D 146 -21.94 -31.42 22.95
CA GLU D 146 -22.36 -30.76 24.18
C GLU D 146 -23.74 -31.24 24.64
N GLU D 147 -24.62 -31.60 23.71
CA GLU D 147 -25.90 -32.17 24.11
C GLU D 147 -25.74 -33.58 24.65
N SER D 148 -24.61 -34.23 24.39
CA SER D 148 -24.38 -35.56 24.94
C SER D 148 -24.13 -35.51 26.44
N LYS D 149 -23.27 -34.59 26.88
CA LYS D 149 -22.99 -34.47 28.31
C LYS D 149 -24.14 -33.78 29.03
N GLU D 150 -24.77 -32.79 28.38
CA GLU D 150 -25.92 -32.12 28.97
C GLU D 150 -27.10 -33.05 29.18
N GLN D 151 -27.05 -34.27 28.63
CA GLN D 151 -28.01 -35.31 28.94
C GLN D 151 -27.48 -36.33 29.93
N ALA D 152 -26.17 -36.42 30.09
CA ALA D 152 -25.55 -37.37 31.02
C ALA D 152 -25.52 -36.80 32.43
N GLU D 200 -21.01 -48.61 29.61
CA GLU D 200 -21.24 -47.92 30.87
C GLU D 200 -20.69 -46.51 30.82
N VAL D 201 -19.76 -46.19 31.73
CA VAL D 201 -19.08 -44.91 31.71
C VAL D 201 -17.88 -44.90 30.77
N GLN D 202 -17.37 -46.08 30.41
CA GLN D 202 -16.29 -46.14 29.42
C GLN D 202 -16.81 -46.02 28.00
N ALA D 203 -18.06 -46.45 27.76
CA ALA D 203 -18.66 -46.25 26.44
C ALA D 203 -18.89 -44.78 26.17
N ARG D 204 -19.26 -44.01 27.20
CA ARG D 204 -19.38 -42.57 27.04
C ARG D 204 -18.03 -41.92 26.77
N HIS D 205 -16.96 -42.45 27.38
CA HIS D 205 -15.63 -41.90 27.14
C HIS D 205 -15.10 -42.31 25.77
N GLN D 206 -15.33 -43.56 25.37
CA GLN D 206 -14.84 -44.01 24.07
C GLN D 206 -15.55 -43.30 22.92
N GLU D 207 -16.84 -43.00 23.09
CA GLU D 207 -17.55 -42.21 22.08
C GLU D 207 -16.96 -40.82 21.96
N LEU D 208 -16.63 -40.19 23.09
CA LEU D 208 -15.99 -38.88 23.06
C LEU D 208 -14.65 -38.95 22.36
N LEU D 209 -13.91 -40.06 22.54
CA LEU D 209 -12.64 -40.23 21.85
C LEU D 209 -12.84 -40.41 20.35
N LYS D 210 -14.00 -40.92 19.94
CA LYS D 210 -14.28 -41.05 18.52
C LYS D 210 -14.68 -39.72 17.89
N LEU D 211 -15.50 -38.93 18.60
CA LEU D 211 -15.90 -37.62 18.08
C LEU D 211 -14.70 -36.69 17.97
N GLU D 212 -13.85 -36.66 19.00
CA GLU D 212 -12.64 -35.83 18.93
C GLU D 212 -11.73 -36.30 17.81
N LYS D 213 -11.63 -37.62 17.62
CA LYS D 213 -10.90 -38.18 16.49
C LYS D 213 -11.42 -37.63 15.16
N THR D 214 -12.74 -37.65 14.99
CA THR D 214 -13.33 -37.17 13.75
C THR D 214 -13.08 -35.69 13.54
N MET D 215 -13.19 -34.89 14.61
CA MET D 215 -13.06 -33.45 14.46
C MET D 215 -11.63 -33.04 14.14
N ALA D 216 -10.65 -33.75 14.71
CA ALA D 216 -9.26 -33.50 14.32
C ALA D 216 -9.04 -33.85 12.85
N GLU D 217 -9.77 -34.85 12.34
CA GLU D 217 -9.65 -35.20 10.93
C GLU D 217 -10.23 -34.10 10.04
N LEU D 218 -11.39 -33.56 10.42
CA LEU D 218 -11.97 -32.46 9.64
C LEU D 218 -11.04 -31.25 9.64
N THR D 219 -10.48 -30.92 10.80
CA THR D 219 -9.50 -29.84 10.87
C THR D 219 -8.32 -30.12 9.93
N GLN D 220 -7.82 -31.36 9.95
CA GLN D 220 -6.72 -31.72 9.07
C GLN D 220 -7.14 -31.63 7.60
N LEU D 221 -8.32 -32.17 7.28
CA LEU D 221 -8.82 -32.08 5.92
C LEU D 221 -9.06 -30.62 5.53
N PHE D 222 -9.62 -29.84 6.44
CA PHE D 222 -9.82 -28.42 6.19
C PHE D 222 -8.52 -27.73 5.81
N ASN D 223 -7.44 -28.04 6.53
CA ASN D 223 -6.15 -27.42 6.25
C ASN D 223 -5.58 -27.93 4.92
N ASP D 224 -5.78 -29.21 4.61
CA ASP D 224 -5.30 -29.75 3.35
C ASP D 224 -5.93 -29.03 2.17
N MET D 225 -7.24 -28.74 2.25
CA MET D 225 -7.94 -28.11 1.15
C MET D 225 -7.56 -26.65 0.96
N GLU D 226 -6.89 -26.04 1.93
CA GLU D 226 -6.39 -24.68 1.78
C GLU D 226 -4.99 -24.64 1.21
N GLU D 227 -4.29 -25.78 1.16
CA GLU D 227 -2.98 -25.81 0.53
C GLU D 227 -3.12 -25.63 -0.98
N LEU D 228 -2.24 -24.82 -1.56
CA LEU D 228 -2.28 -24.60 -3.00
C LEU D 228 -1.86 -25.87 -3.75
N VAL D 229 -2.23 -25.93 -5.02
CA VAL D 229 -1.94 -27.09 -5.86
C VAL D 229 -0.68 -26.89 -6.69
N ILE D 230 0.06 -25.81 -6.45
CA ILE D 230 1.37 -25.62 -7.07
C ILE D 230 2.33 -25.02 -6.04
#